data_4KRG
#
_entry.id   4KRG
#
_cell.length_a   72.998
_cell.length_b   72.998
_cell.length_c   360.620
_cell.angle_alpha   90.00
_cell.angle_beta   90.00
_cell.angle_gamma   120.00
#
_symmetry.space_group_name_H-M   'P 65'
#
loop_
_entity.id
_entity.type
_entity.pdbx_description
1 polymer 'Phosphoethanolamine N-methyltransferase 1'
2 non-polymer 'PHOSPHORIC ACID MONO-(2-AMINO-ETHYL) ESTER'
3 non-polymer S-ADENOSYL-L-HOMOCYSTEINE
4 non-polymer 'octyl beta-D-glucopyranoside'
5 non-polymer 'SODIUM ION'
6 water water
#
_entity_poly.entity_id   1
_entity_poly.type   'polypeptide(L)'
_entity_poly.pdbx_seq_one_letter_code
;LYFQGH(MSE)TAEVRRDSFKTFWDKYSDKPDTNS(MSE)(MSE)LNQTAQDLEASDRADILSSLPHLTNKDVVDIGAGI
GRFTTVLAETARWVLSTDFIESFIEKNQERNAH(MSE)GNISYQIGDAVHLQ(MSE)DEKSVDLVFTNWL(MSE)(MSE)
YLSDREVIEFLLNA(MSE)RWLRADGYIHLRESCSEPSTGRLKTAT(MSE)HSAVDANPTHYRFSSLYIKLLRAIRYRDS
DGK(MSE)WKFDVQWSCSVPTYIRRCNNWRQVHWLTKKVPAVGDEETSVDDLLNLFSQIWPAEQKTWDEKLDNEKYSWTD
KIFSNAIDDEVVPKNSTAYVFTPRQRSPFLHVNSHLLAEKFTCNVWNVETKEYLYRTSLTKANNQKDQRVRFGWNESLSS
SIDYWNQRDASFDC(MSE)VATELLATCDDESINSIASI(MSE)KPEAKVVLLEPVSGIDETSVRQR(MSE)TTCGFKNI
TIVDVTQESLNAEVSFIKDHNLDVELSGCNYLLIKASL
;
_entity_poly.pdbx_strand_id   A,B
#
# COMPACT_ATOMS: atom_id res chain seq x y z
N LEU A 1 48.48 -3.87 -23.83
CA LEU A 1 49.01 -3.16 -24.98
C LEU A 1 48.33 -3.63 -26.27
N TYR A 2 47.02 -3.85 -26.19
CA TYR A 2 46.24 -4.22 -27.36
C TYR A 2 45.32 -3.08 -27.83
N PHE A 3 44.78 -3.20 -29.04
CA PHE A 3 43.95 -2.16 -29.67
C PHE A 3 42.92 -1.52 -28.74
N GLN A 4 42.99 -0.20 -28.63
CA GLN A 4 42.06 0.58 -27.81
C GLN A 4 41.94 0.03 -26.37
N GLY A 5 43.04 -0.50 -25.86
CA GLY A 5 43.07 -1.16 -24.56
C GLY A 5 42.77 -0.25 -23.39
N HIS A 6 42.63 1.04 -23.68
CA HIS A 6 42.36 2.05 -22.66
C HIS A 6 40.90 2.49 -22.64
N THR A 8 37.92 0.54 -24.67
CA THR A 8 36.84 -0.32 -25.18
C THR A 8 35.77 -0.56 -24.14
N ALA A 9 34.57 -0.93 -24.59
CA ALA A 9 33.47 -1.24 -23.69
C ALA A 9 33.81 -2.39 -22.74
N GLU A 10 34.67 -3.30 -23.18
CA GLU A 10 35.06 -4.44 -22.36
C GLU A 10 36.04 -4.03 -21.27
N VAL A 11 36.97 -3.16 -21.61
CA VAL A 11 37.90 -2.62 -20.62
C VAL A 11 37.13 -1.83 -19.58
N ARG A 12 36.19 -1.01 -20.04
CA ARG A 12 35.35 -0.23 -19.12
C ARG A 12 34.42 -1.15 -18.33
N ARG A 13 33.93 -2.21 -18.98
CA ARG A 13 33.14 -3.20 -18.30
C ARG A 13 33.96 -3.82 -17.19
N ASP A 14 35.21 -4.16 -17.51
CA ASP A 14 36.08 -4.85 -16.57
C ASP A 14 36.61 -3.93 -15.46
N SER A 15 36.54 -2.61 -15.68
CA SER A 15 36.99 -1.68 -14.64
C SER A 15 36.03 -1.70 -13.46
N PHE A 16 34.77 -1.97 -13.74
CA PHE A 16 33.75 -2.06 -12.68
C PHE A 16 33.86 -3.37 -11.92
N LYS A 17 34.04 -4.47 -12.65
CA LYS A 17 34.23 -5.78 -12.02
C LYS A 17 35.50 -5.80 -11.17
N THR A 18 36.53 -5.10 -11.63
CA THR A 18 37.77 -4.95 -10.87
C THR A 18 37.56 -4.12 -9.60
N PHE A 19 36.80 -3.04 -9.72
CA PHE A 19 36.44 -2.23 -8.56
C PHE A 19 35.74 -3.08 -7.51
N TRP A 20 34.75 -3.85 -7.95
CA TRP A 20 33.99 -4.65 -7.00
C TRP A 20 34.76 -5.86 -6.49
N ASP A 21 35.74 -6.31 -7.27
CA ASP A 21 36.65 -7.36 -6.80
C ASP A 21 37.33 -6.95 -5.49
N LYS A 22 37.58 -5.65 -5.32
CA LYS A 22 38.23 -5.14 -4.13
C LYS A 22 37.43 -5.41 -2.86
N TYR A 23 36.13 -5.68 -3.00
CA TYR A 23 35.25 -5.85 -1.86
C TYR A 23 34.79 -7.29 -1.62
N SER A 24 35.17 -8.19 -2.52
CA SER A 24 34.74 -9.59 -2.43
C SER A 24 35.32 -10.32 -1.21
N ASP A 25 36.33 -9.72 -0.60
CA ASP A 25 36.87 -10.22 0.66
C ASP A 25 35.93 -9.83 1.80
N LYS A 26 35.06 -8.87 1.55
CA LYS A 26 34.12 -8.38 2.55
C LYS A 26 32.69 -8.46 2.05
N PRO A 27 32.15 -9.68 1.92
CA PRO A 27 30.74 -9.79 1.52
C PRO A 27 29.83 -9.41 2.67
N ASP A 28 29.74 -8.12 2.96
CA ASP A 28 28.92 -7.62 4.07
C ASP A 28 28.22 -6.30 3.71
N THR A 29 27.37 -5.82 4.61
CA THR A 29 26.58 -4.62 4.35
C THR A 29 27.44 -3.36 4.19
N ASN A 30 28.65 -3.37 4.74
CA ASN A 30 29.56 -2.26 4.55
C ASN A 30 29.91 -2.09 3.07
N SER A 31 30.15 -3.21 2.39
CA SER A 31 30.48 -3.17 0.96
C SER A 31 29.29 -2.80 0.09
N LEU A 34 28.86 0.68 0.65
CA LEU A 34 30.13 1.42 0.62
C LEU A 34 30.20 2.45 1.75
N ASN A 35 29.96 1.98 2.96
CA ASN A 35 29.84 2.83 4.14
C ASN A 35 30.45 2.10 5.33
N GLN A 36 31.33 2.78 6.05
CA GLN A 36 32.06 2.14 7.15
C GLN A 36 31.14 1.76 8.31
N THR A 37 29.97 2.39 8.34
CA THR A 37 29.00 2.14 9.41
C THR A 37 27.64 1.79 8.83
N ALA A 38 27.64 0.89 7.85
CA ALA A 38 26.42 0.55 7.14
C ALA A 38 25.40 -0.09 8.07
N GLN A 39 25.88 -0.62 9.19
CA GLN A 39 25.01 -1.22 10.19
C GLN A 39 23.99 -0.20 10.67
N ASP A 40 24.42 1.05 10.82
CA ASP A 40 23.55 2.14 11.25
C ASP A 40 22.38 2.38 10.31
N LEU A 41 22.62 2.18 9.02
CA LEU A 41 21.64 2.59 8.01
C LEU A 41 20.86 1.44 7.38
N GLU A 42 21.42 0.24 7.39
CA GLU A 42 20.96 -0.84 6.50
C GLU A 42 19.46 -1.20 6.58
N ALA A 43 18.96 -1.46 7.78
CA ALA A 43 17.57 -1.92 7.91
C ALA A 43 16.57 -0.82 7.54
N SER A 44 16.87 0.40 7.95
CA SER A 44 16.03 1.56 7.67
CA SER A 44 15.97 1.51 7.66
C SER A 44 15.96 1.82 6.17
N ASP A 45 17.12 1.77 5.52
CA ASP A 45 17.20 1.98 4.08
C ASP A 45 16.40 0.90 3.33
N ARG A 46 16.63 -0.36 3.70
CA ARG A 46 15.96 -1.47 3.04
C ARG A 46 14.45 -1.35 3.16
N ALA A 47 13.97 -0.96 4.35
CA ALA A 47 12.54 -0.76 4.58
C ALA A 47 11.98 0.40 3.77
N ASP A 48 12.74 1.50 3.65
CA ASP A 48 12.35 2.61 2.80
C ASP A 48 12.10 2.16 1.37
N ILE A 49 13.00 1.34 0.86
CA ILE A 49 12.90 0.85 -0.51
C ILE A 49 11.78 -0.19 -0.65
N LEU A 50 11.81 -1.20 0.20
CA LEU A 50 10.86 -2.30 0.09
C LEU A 50 9.42 -1.86 0.33
N SER A 51 9.21 -0.88 1.20
CA SER A 51 7.86 -0.41 1.47
C SER A 51 7.31 0.43 0.32
N SER A 52 8.16 0.75 -0.66
CA SER A 52 7.72 1.54 -1.80
C SER A 52 7.26 0.66 -2.96
N LEU A 53 7.52 -0.64 -2.86
CA LEU A 53 7.17 -1.57 -3.92
C LEU A 53 5.70 -2.03 -3.89
N PRO A 54 5.16 -2.41 -5.04
CA PRO A 54 3.85 -3.05 -5.00
C PRO A 54 3.92 -4.40 -4.28
N HIS A 55 2.78 -4.88 -3.81
CA HIS A 55 2.71 -6.21 -3.22
C HIS A 55 3.13 -7.25 -4.26
N LEU A 56 3.77 -8.32 -3.80
CA LEU A 56 4.42 -9.26 -4.71
C LEU A 56 3.82 -10.66 -4.73
N THR A 57 2.68 -10.84 -4.08
CA THR A 57 2.01 -12.13 -3.99
C THR A 57 1.82 -12.73 -5.39
N ASN A 58 2.32 -13.96 -5.59
CA ASN A 58 2.21 -14.70 -6.84
C ASN A 58 3.05 -14.17 -8.00
N LYS A 59 3.90 -13.18 -7.72
CA LYS A 59 4.66 -12.55 -8.76
C LYS A 59 6.10 -13.06 -8.85
N ASP A 60 6.66 -13.01 -10.05
CA ASP A 60 8.05 -13.36 -10.30
C ASP A 60 8.92 -12.09 -10.35
N VAL A 61 10.02 -12.11 -9.60
CA VAL A 61 10.88 -10.95 -9.45
C VAL A 61 12.31 -11.28 -9.86
N VAL A 62 12.99 -10.36 -10.52
CA VAL A 62 14.41 -10.51 -10.76
C VAL A 62 15.16 -9.39 -10.06
N ASP A 63 16.06 -9.76 -9.15
CA ASP A 63 16.84 -8.79 -8.38
C ASP A 63 18.24 -8.79 -8.95
N ILE A 64 18.56 -7.75 -9.74
CA ILE A 64 19.81 -7.71 -10.50
C ILE A 64 20.86 -6.83 -9.80
N GLY A 65 22.03 -7.39 -9.53
CA GLY A 65 23.04 -6.70 -8.74
C GLY A 65 22.71 -6.84 -7.27
N ALA A 66 22.14 -8.00 -6.93
CA ALA A 66 21.62 -8.26 -5.58
C ALA A 66 22.69 -8.35 -4.51
N GLY A 67 23.94 -8.56 -4.92
CA GLY A 67 25.03 -8.75 -3.97
C GLY A 67 24.73 -9.84 -2.96
N ILE A 68 25.01 -9.57 -1.68
CA ILE A 68 24.79 -10.55 -0.62
C ILE A 68 23.31 -10.77 -0.34
N GLY A 69 22.46 -10.04 -1.07
CA GLY A 69 21.04 -10.34 -1.15
C GLY A 69 20.15 -9.77 -0.06
N ARG A 70 20.52 -8.64 0.52
CA ARG A 70 19.71 -8.10 1.62
C ARG A 70 18.27 -7.77 1.20
N PHE A 71 18.05 -7.44 -0.07
CA PHE A 71 16.69 -7.27 -0.58
C PHE A 71 16.08 -8.62 -0.97
N THR A 72 16.88 -9.46 -1.63
CA THR A 72 16.43 -10.79 -2.06
C THR A 72 15.78 -11.53 -0.90
N THR A 73 16.42 -11.45 0.26
CA THR A 73 15.93 -12.11 1.46
C THR A 73 14.47 -11.76 1.77
N VAL A 74 14.13 -10.48 1.70
CA VAL A 74 12.79 -10.05 2.03
C VAL A 74 11.83 -10.16 0.83
N LEU A 75 12.35 -9.95 -0.37
CA LEU A 75 11.54 -10.06 -1.60
C LEU A 75 10.92 -11.45 -1.72
N ALA A 76 11.72 -12.47 -1.45
CA ALA A 76 11.26 -13.86 -1.56
C ALA A 76 10.26 -14.27 -0.48
N GLU A 77 10.03 -13.40 0.51
CA GLU A 77 9.02 -13.69 1.52
C GLU A 77 7.61 -13.66 0.95
N THR A 78 7.39 -12.80 -0.04
CA THR A 78 6.05 -12.68 -0.61
C THR A 78 5.94 -12.98 -2.11
N ALA A 79 7.03 -12.76 -2.85
CA ALA A 79 7.07 -13.07 -4.27
C ALA A 79 6.96 -14.58 -4.47
N ARG A 80 6.37 -15.00 -5.58
CA ARG A 80 6.32 -16.43 -5.87
C ARG A 80 7.74 -16.96 -6.03
N TRP A 81 8.57 -16.21 -6.75
CA TRP A 81 9.91 -16.66 -7.08
C TRP A 81 10.79 -15.44 -7.33
N VAL A 82 12.05 -15.55 -6.95
CA VAL A 82 13.01 -14.47 -7.17
C VAL A 82 14.27 -15.04 -7.82
N LEU A 83 14.71 -14.40 -8.90
CA LEU A 83 16.02 -14.69 -9.47
C LEU A 83 17.00 -13.62 -8.99
N SER A 84 18.05 -14.04 -8.31
CA SER A 84 18.98 -13.12 -7.70
C SER A 84 20.34 -13.25 -8.40
N THR A 85 20.85 -12.14 -8.96
CA THR A 85 22.07 -12.17 -9.75
C THR A 85 23.09 -11.12 -9.28
N ASP A 86 24.38 -11.43 -9.45
CA ASP A 86 25.44 -10.47 -9.20
C ASP A 86 26.68 -10.96 -9.95
N PHE A 87 27.56 -10.04 -10.35
CA PHE A 87 28.76 -10.47 -11.07
C PHE A 87 29.96 -10.79 -10.17
N ILE A 88 29.79 -10.57 -8.87
CA ILE A 88 30.80 -10.98 -7.90
C ILE A 88 30.41 -12.30 -7.23
N GLU A 89 31.23 -13.33 -7.45
CA GLU A 89 30.95 -14.69 -7.02
C GLU A 89 30.77 -14.85 -5.50
N SER A 90 31.67 -14.27 -4.72
CA SER A 90 31.59 -14.44 -3.27
CA SER A 90 31.60 -14.43 -3.27
C SER A 90 30.32 -13.79 -2.70
N PHE A 91 29.85 -12.74 -3.35
CA PHE A 91 28.62 -12.07 -2.91
C PHE A 91 27.44 -13.03 -3.06
N ILE A 92 27.33 -13.65 -4.23
CA ILE A 92 26.29 -14.63 -4.49
C ILE A 92 26.41 -15.80 -3.51
N GLU A 93 27.64 -16.20 -3.21
CA GLU A 93 27.87 -17.25 -2.24
C GLU A 93 27.37 -16.86 -0.85
N LYS A 94 27.66 -15.64 -0.42
CA LYS A 94 27.14 -15.14 0.85
C LYS A 94 25.60 -15.04 0.82
N ASN A 95 25.06 -14.64 -0.33
CA ASN A 95 23.60 -14.60 -0.57
C ASN A 95 22.97 -15.98 -0.32
N GLN A 96 23.55 -17.01 -0.92
CA GLN A 96 23.07 -18.38 -0.76
C GLN A 96 23.17 -18.92 0.66
N GLU A 97 24.12 -18.41 1.43
CA GLU A 97 24.31 -18.85 2.80
C GLU A 97 23.24 -18.24 3.70
N ARG A 98 23.08 -16.93 3.60
CA ARG A 98 22.09 -16.19 4.38
C ARG A 98 20.69 -16.72 4.10
N ASN A 99 20.45 -17.09 2.86
CA ASN A 99 19.12 -17.49 2.41
C ASN A 99 18.95 -18.99 2.24
N ALA A 100 19.80 -19.76 2.90
CA ALA A 100 19.74 -21.22 2.81
C ALA A 100 18.43 -21.77 3.34
N HIS A 101 17.75 -20.98 4.16
CA HIS A 101 16.49 -21.42 4.76
C HIS A 101 15.30 -21.23 3.82
N GLY A 103 13.42 -21.47 -0.18
CA GLY A 103 13.39 -22.40 -1.28
C GLY A 103 12.84 -21.87 -2.59
N ASN A 104 12.55 -20.57 -2.64
CA ASN A 104 12.02 -19.96 -3.87
C ASN A 104 12.95 -18.95 -4.50
N ILE A 105 14.25 -19.11 -4.26
CA ILE A 105 15.25 -18.22 -4.84
C ILE A 105 16.18 -18.97 -5.78
N SER A 106 16.29 -18.48 -7.01
CA SER A 106 17.31 -18.97 -7.94
C SER A 106 18.48 -18.00 -7.90
N TYR A 107 19.69 -18.52 -8.10
CA TYR A 107 20.91 -17.71 -8.07
C TYR A 107 21.67 -17.75 -9.38
N GLN A 108 22.23 -16.61 -9.76
CA GLN A 108 23.06 -16.60 -10.96
C GLN A 108 24.26 -15.69 -10.78
N ILE A 109 25.41 -16.13 -11.27
CA ILE A 109 26.59 -15.28 -11.29
C ILE A 109 26.79 -14.83 -12.73
N GLY A 110 26.79 -13.52 -12.96
CA GLY A 110 26.98 -12.99 -14.29
C GLY A 110 26.82 -11.48 -14.32
N ASP A 111 27.25 -10.87 -15.41
CA ASP A 111 27.13 -9.43 -15.58
C ASP A 111 25.73 -9.10 -16.07
N ALA A 112 25.14 -8.06 -15.50
CA ALA A 112 23.80 -7.59 -15.89
C ALA A 112 23.74 -7.22 -17.38
N VAL A 113 24.88 -6.80 -17.92
CA VAL A 113 24.96 -6.44 -19.34
C VAL A 113 24.69 -7.65 -20.26
N HIS A 114 25.02 -8.85 -19.79
CA HIS A 114 24.85 -10.07 -20.57
C HIS A 114 23.63 -10.89 -20.20
N LEU A 115 22.88 -10.43 -19.20
CA LEU A 115 21.72 -11.19 -18.73
C LEU A 115 20.70 -11.30 -19.86
N GLN A 116 20.09 -12.47 -19.99
CA GLN A 116 19.04 -12.68 -20.97
C GLN A 116 17.95 -13.57 -20.37
N ASP A 118 13.46 -14.72 -21.06
CA ASP A 118 12.36 -14.69 -22.02
C ASP A 118 11.55 -13.38 -21.94
N GLU A 119 10.85 -13.07 -23.01
CA GLU A 119 9.92 -11.95 -23.01
C GLU A 119 8.82 -12.24 -22.01
N LYS A 120 8.29 -11.18 -21.39
CA LYS A 120 7.18 -11.28 -20.47
C LYS A 120 7.39 -12.40 -19.48
N SER A 121 8.56 -12.42 -18.86
CA SER A 121 8.92 -13.50 -17.96
C SER A 121 8.95 -13.08 -16.49
N VAL A 122 8.93 -11.79 -16.21
CA VAL A 122 8.87 -11.30 -14.82
C VAL A 122 7.82 -10.21 -14.64
N ASP A 123 7.47 -9.96 -13.38
CA ASP A 123 6.52 -8.92 -13.02
C ASP A 123 7.20 -7.73 -12.42
N LEU A 124 8.34 -7.96 -11.79
CA LEU A 124 9.14 -6.88 -11.19
C LEU A 124 10.61 -7.06 -11.55
N VAL A 125 11.21 -6.01 -12.10
CA VAL A 125 12.65 -5.95 -12.23
C VAL A 125 13.14 -5.05 -11.12
N PHE A 126 13.84 -5.63 -10.15
CA PHE A 126 14.28 -4.87 -8.99
C PHE A 126 15.77 -4.59 -9.04
N THR A 127 16.13 -3.33 -8.92
CA THR A 127 17.53 -2.97 -8.77
C THR A 127 17.66 -1.90 -7.69
N ASN A 128 18.87 -1.77 -7.16
CA ASN A 128 19.17 -0.77 -6.16
C ASN A 128 20.67 -0.52 -6.21
N TRP A 129 21.06 0.68 -6.68
CA TRP A 129 22.47 1.01 -6.97
C TRP A 129 23.10 0.19 -8.10
N LEU A 130 22.64 0.36 -9.33
CA LEU A 130 23.18 -0.43 -10.44
C LEU A 130 23.52 0.38 -11.71
N TYR A 133 26.79 1.98 -12.22
CA TYR A 133 27.92 1.12 -12.55
C TYR A 133 27.87 0.62 -14.00
N LEU A 134 27.03 1.26 -14.81
CA LEU A 134 26.93 0.97 -16.24
C LEU A 134 27.24 2.21 -17.06
N SER A 135 27.70 2.05 -18.30
CA SER A 135 27.90 3.20 -19.19
C SER A 135 26.53 3.69 -19.66
N ASP A 136 26.49 4.87 -20.23
CA ASP A 136 25.25 5.43 -20.76
C ASP A 136 24.58 4.50 -21.76
N ARG A 137 25.36 3.89 -22.64
CA ARG A 137 24.78 2.99 -23.64
C ARG A 137 24.22 1.74 -22.98
N GLU A 138 24.93 1.22 -21.98
CA GLU A 138 24.50 0.04 -21.25
C GLU A 138 23.22 0.27 -20.43
N VAL A 139 23.08 1.47 -19.85
CA VAL A 139 21.88 1.83 -19.12
C VAL A 139 20.67 1.73 -20.04
N ILE A 140 20.79 2.30 -21.23
CA ILE A 140 19.72 2.27 -22.21
C ILE A 140 19.43 0.83 -22.64
N GLU A 141 20.49 0.08 -22.90
CA GLU A 141 20.36 -1.31 -23.30
C GLU A 141 19.76 -2.15 -22.18
N PHE A 142 20.15 -1.87 -20.94
CA PHE A 142 19.55 -2.54 -19.79
C PHE A 142 18.06 -2.27 -19.71
N LEU A 143 17.67 -1.02 -19.94
CA LEU A 143 16.26 -0.64 -19.78
C LEU A 143 15.36 -1.18 -20.90
N LEU A 144 15.92 -1.30 -22.10
CA LEU A 144 15.18 -1.95 -23.19
C LEU A 144 15.04 -3.45 -22.95
N ASN A 145 16.02 -4.05 -22.27
CA ASN A 145 15.94 -5.46 -21.88
C ASN A 145 14.88 -5.69 -20.80
N ALA A 146 14.87 -4.84 -19.79
CA ALA A 146 13.87 -4.90 -18.74
C ALA A 146 12.50 -4.79 -19.37
N ARG A 148 11.62 -5.67 -22.40
CA ARG A 148 11.35 -6.94 -23.07
C ARG A 148 10.89 -8.02 -22.10
N TRP A 149 11.54 -8.07 -20.94
CA TRP A 149 11.29 -9.11 -19.94
C TRP A 149 10.01 -8.92 -19.14
N LEU A 150 9.61 -7.67 -18.98
CA LEU A 150 8.45 -7.35 -18.17
C LEU A 150 7.14 -7.76 -18.86
N ARG A 151 6.20 -8.30 -18.08
CA ARG A 151 4.83 -8.45 -18.53
C ARG A 151 4.14 -7.08 -18.53
N ALA A 152 3.06 -6.94 -19.31
CA ALA A 152 2.26 -5.72 -19.27
C ALA A 152 1.79 -5.50 -17.83
N ASP A 153 1.66 -4.23 -17.42
CA ASP A 153 1.40 -3.83 -16.02
C ASP A 153 2.60 -4.04 -15.09
N GLY A 154 3.66 -4.66 -15.59
CA GLY A 154 4.84 -4.93 -14.79
C GLY A 154 5.55 -3.67 -14.34
N TYR A 155 6.41 -3.80 -13.33
CA TYR A 155 7.13 -2.66 -12.77
C TYR A 155 8.63 -2.87 -12.77
N ILE A 156 9.37 -1.77 -12.75
CA ILE A 156 10.80 -1.79 -12.49
C ILE A 156 11.10 -0.78 -11.40
N HIS A 157 11.91 -1.18 -10.43
CA HIS A 157 12.39 -0.27 -9.41
C HIS A 157 13.86 0.02 -9.66
N LEU A 158 14.21 1.30 -9.63
CA LEU A 158 15.61 1.70 -9.70
C LEU A 158 15.91 2.69 -8.60
N ARG A 159 17.14 2.68 -8.10
CA ARG A 159 17.59 3.63 -7.11
C ARG A 159 19.04 3.93 -7.39
N GLU A 160 19.40 5.20 -7.52
CA GLU A 160 20.76 5.53 -7.88
C GLU A 160 21.32 6.67 -7.04
N SER A 161 22.63 6.66 -6.84
CA SER A 161 23.31 7.80 -6.26
C SER A 161 23.39 8.85 -7.35
N CYS A 162 22.65 9.92 -7.19
CA CYS A 162 22.62 10.95 -8.22
C CYS A 162 23.55 12.10 -7.88
N SER A 163 24.31 12.55 -8.87
CA SER A 163 25.22 13.70 -8.78
C SER A 163 26.44 13.57 -7.86
N GLU A 164 26.34 12.75 -6.81
CA GLU A 164 27.43 12.59 -5.86
C GLU A 164 27.32 11.25 -5.14
N PRO A 165 28.42 10.79 -4.52
CA PRO A 165 28.29 9.50 -3.82
C PRO A 165 27.31 9.58 -2.66
N SER A 166 26.77 8.44 -2.26
CA SER A 166 25.81 8.38 -1.17
C SER A 166 26.36 9.08 0.07
N THR A 167 27.65 8.91 0.31
CA THR A 167 28.33 9.51 1.44
C THR A 167 28.90 10.90 1.14
N GLY A 168 28.42 11.55 0.09
CA GLY A 168 28.78 12.92 -0.18
C GLY A 168 30.25 13.12 -0.54
N ARG A 169 30.65 14.38 -0.68
CA ARG A 169 31.98 14.71 -1.21
C ARG A 169 32.84 15.45 -0.18
N LEU A 170 33.61 14.74 0.64
CA LEU A 170 33.63 13.28 0.72
C LEU A 170 33.56 12.96 2.20
N LYS A 171 32.70 12.04 2.60
CA LYS A 171 32.63 11.69 4.01
C LYS A 171 33.59 10.57 4.39
N THR A 172 34.18 10.70 5.58
CA THR A 172 34.94 9.62 6.20
C THR A 172 34.10 8.36 6.33
N ALA A 173 32.78 8.52 6.18
CA ALA A 173 31.85 7.41 6.13
C ALA A 173 32.16 6.47 4.97
N THR A 174 32.77 7.00 3.91
CA THR A 174 32.93 6.23 2.69
C THR A 174 33.89 5.04 2.83
N HIS A 176 35.04 4.07 -0.11
CA HIS A 176 35.82 4.38 -1.29
C HIS A 176 37.26 4.65 -0.91
N SER A 177 38.17 4.44 -1.85
CA SER A 177 39.57 4.79 -1.66
C SER A 177 39.72 6.31 -1.80
N ALA A 178 40.49 6.90 -0.91
CA ALA A 178 40.69 8.35 -0.92
C ALA A 178 41.67 8.78 -2.02
N VAL A 179 42.45 7.84 -2.53
CA VAL A 179 43.46 8.13 -3.52
C VAL A 179 43.12 7.61 -4.93
N ASP A 180 42.49 6.44 -4.99
CA ASP A 180 42.12 5.84 -6.28
C ASP A 180 40.99 6.64 -6.94
N ALA A 181 40.96 6.62 -8.26
CA ALA A 181 39.85 7.22 -8.98
C ALA A 181 38.60 6.38 -8.72
N ASN A 182 37.45 7.06 -8.64
CA ASN A 182 36.18 6.38 -8.48
C ASN A 182 35.47 6.35 -9.83
N PRO A 183 35.29 5.14 -10.39
CA PRO A 183 34.75 4.93 -11.75
C PRO A 183 33.24 5.16 -11.85
N THR A 184 32.58 5.25 -10.70
CA THR A 184 31.13 5.36 -10.64
C THR A 184 30.58 6.54 -11.45
N HIS A 185 29.44 6.31 -12.10
CA HIS A 185 28.73 7.35 -12.83
C HIS A 185 27.67 7.97 -11.94
N TYR A 186 27.93 9.16 -11.41
CA TYR A 186 26.94 9.87 -10.60
C TYR A 186 26.17 10.85 -11.47
N ARG A 187 25.08 10.36 -12.05
CA ARG A 187 24.30 11.15 -13.01
C ARG A 187 23.32 12.07 -12.30
N PHE A 188 22.80 13.06 -13.02
CA PHE A 188 21.75 13.91 -12.48
C PHE A 188 20.44 13.13 -12.43
N SER A 189 19.67 13.31 -11.36
CA SER A 189 18.38 12.64 -11.17
C SER A 189 17.45 12.86 -12.35
N SER A 190 17.50 14.06 -12.92
CA SER A 190 16.62 14.42 -14.03
C SER A 190 16.85 13.55 -15.27
N LEU A 191 18.08 13.08 -15.45
CA LEU A 191 18.42 12.28 -16.62
C LEU A 191 17.79 10.90 -16.57
N TYR A 192 17.72 10.33 -15.37
CA TYR A 192 17.09 9.05 -15.22
C TYR A 192 15.60 9.18 -15.53
N ILE A 193 14.94 10.17 -14.93
CA ILE A 193 13.51 10.38 -15.16
C ILE A 193 13.21 10.59 -16.64
N LYS A 194 13.96 11.47 -17.28
CA LYS A 194 13.73 11.77 -18.69
C LYS A 194 13.97 10.56 -19.60
N LEU A 195 15.02 9.80 -19.30
CA LEU A 195 15.30 8.60 -20.10
C LEU A 195 14.14 7.63 -20.01
N LEU A 196 13.66 7.39 -18.80
CA LEU A 196 12.55 6.47 -18.58
C LEU A 196 11.31 6.88 -19.36
N ARG A 197 10.98 8.17 -19.31
CA ARG A 197 9.80 8.69 -19.98
C ARG A 197 9.94 8.67 -21.49
N ALA A 198 11.18 8.73 -21.98
CA ALA A 198 11.43 8.79 -23.42
C ALA A 198 11.23 7.45 -24.11
N ILE A 199 11.61 6.36 -23.44
CA ILE A 199 11.64 5.03 -24.05
C ILE A 199 10.31 4.62 -24.71
N ARG A 200 10.41 4.16 -25.94
CA ARG A 200 9.30 3.54 -26.65
C ARG A 200 9.82 2.24 -27.23
N TYR A 201 9.26 1.12 -26.79
CA TYR A 201 9.73 -0.19 -27.21
C TYR A 201 8.66 -0.98 -27.94
N ARG A 202 8.98 -1.47 -29.14
CA ARG A 202 8.09 -2.36 -29.86
C ARG A 202 8.50 -3.81 -29.59
N ASP A 203 7.57 -4.60 -29.06
CA ASP A 203 7.89 -5.99 -28.74
C ASP A 203 7.83 -6.90 -29.97
N SER A 204 8.04 -8.20 -29.77
CA SER A 204 8.10 -9.13 -30.89
C SER A 204 6.74 -9.32 -31.57
N ASP A 205 5.67 -8.95 -30.88
CA ASP A 205 4.34 -9.02 -31.47
C ASP A 205 4.00 -7.70 -32.18
N GLY A 206 4.93 -6.75 -32.13
CA GLY A 206 4.72 -5.47 -32.78
C GLY A 206 3.94 -4.46 -31.97
N LYS A 207 3.84 -4.68 -30.66
CA LYS A 207 3.12 -3.75 -29.80
C LYS A 207 4.08 -2.74 -29.17
N TRP A 209 5.34 0.06 -26.29
CA TRP A 209 5.28 0.26 -24.86
C TRP A 209 6.02 1.51 -24.44
N LYS A 210 5.61 2.08 -23.31
CA LYS A 210 6.33 3.16 -22.69
C LYS A 210 6.36 2.94 -21.19
N PHE A 211 7.18 3.71 -20.51
CA PHE A 211 7.29 3.65 -19.06
C PHE A 211 6.46 4.78 -18.46
N ASP A 212 5.68 4.44 -17.43
CA ASP A 212 4.98 5.45 -16.64
C ASP A 212 5.75 5.59 -15.33
N VAL A 213 6.59 6.64 -15.23
CA VAL A 213 7.37 6.87 -14.03
C VAL A 213 6.46 7.42 -12.95
N GLN A 214 6.15 6.58 -11.97
CA GLN A 214 5.11 6.90 -11.01
C GLN A 214 5.53 8.00 -10.02
N TRP A 215 6.82 8.06 -9.74
CA TRP A 215 7.36 9.05 -8.82
C TRP A 215 8.86 9.08 -8.83
N SER A 216 9.40 10.17 -8.31
CA SER A 216 10.81 10.28 -7.97
C SER A 216 10.88 10.76 -6.52
N CYS A 217 11.61 10.04 -5.68
CA CYS A 217 11.66 10.35 -4.26
C CYS A 217 13.07 10.19 -3.76
N SER A 218 13.41 10.91 -2.70
CA SER A 218 14.70 10.78 -2.03
C SER A 218 14.54 9.73 -0.94
N VAL A 219 15.52 8.86 -0.80
CA VAL A 219 15.46 7.81 0.21
C VAL A 219 15.54 8.46 1.60
N PRO A 220 14.48 8.29 2.41
CA PRO A 220 14.35 8.96 3.71
C PRO A 220 15.55 8.79 4.65
N THR A 221 16.06 7.57 4.78
CA THR A 221 17.22 7.29 5.61
C THR A 221 18.46 8.12 5.26
N TYR A 222 18.67 8.38 3.98
CA TYR A 222 19.83 9.15 3.54
C TYR A 222 19.67 10.65 3.77
N ILE A 223 18.43 11.12 3.86
CA ILE A 223 18.23 12.50 4.27
C ILE A 223 18.46 12.60 5.78
N ARG A 224 17.81 11.75 6.56
CA ARG A 224 17.84 11.87 8.02
C ARG A 224 19.24 11.69 8.58
N ARG A 225 19.96 10.70 8.06
CA ARG A 225 21.23 10.32 8.67
C ARG A 225 22.46 10.75 7.90
N CYS A 226 22.29 11.09 6.63
CA CYS A 226 23.44 11.49 5.81
C CYS A 226 23.28 12.87 5.18
N ASN A 227 22.21 13.58 5.55
CA ASN A 227 21.88 14.89 4.98
C ASN A 227 21.97 14.92 3.45
N ASN A 228 21.63 13.79 2.84
CA ASN A 228 21.75 13.61 1.40
C ASN A 228 20.39 13.37 0.75
N TRP A 229 19.95 14.32 -0.07
CA TRP A 229 18.67 14.26 -0.76
C TRP A 229 18.79 13.57 -2.12
N ARG A 230 20.02 13.25 -2.52
CA ARG A 230 20.29 12.80 -3.88
C ARG A 230 20.40 11.28 -4.03
N GLN A 231 19.98 10.54 -3.01
CA GLN A 231 19.73 9.12 -3.15
C GLN A 231 18.32 8.99 -3.68
N VAL A 232 18.19 8.83 -4.99
CA VAL A 232 16.90 8.98 -5.63
C VAL A 232 16.43 7.65 -6.20
N HIS A 233 15.15 7.36 -5.97
CA HIS A 233 14.56 6.14 -6.53
C HIS A 233 13.22 6.39 -7.21
N TRP A 234 12.84 5.44 -8.07
CA TRP A 234 11.68 5.58 -8.93
C TRP A 234 10.99 4.24 -9.07
N LEU A 235 9.66 4.27 -9.05
CA LEU A 235 8.89 3.10 -9.43
C LEU A 235 8.23 3.41 -10.76
N THR A 236 8.41 2.50 -11.72
CA THR A 236 8.06 2.75 -13.10
C THR A 236 7.28 1.58 -13.68
N LYS A 237 6.19 1.87 -14.38
CA LYS A 237 5.27 0.85 -14.86
C LYS A 237 5.30 0.73 -16.39
N LYS A 238 5.27 -0.51 -16.89
CA LYS A 238 5.22 -0.76 -18.33
C LYS A 238 3.78 -0.67 -18.81
N VAL A 239 3.50 0.30 -19.67
CA VAL A 239 2.14 0.58 -20.11
C VAL A 239 2.12 0.78 -21.64
N PRO A 240 0.94 0.59 -22.25
CA PRO A 240 0.88 0.70 -23.71
C PRO A 240 1.15 2.12 -24.22
N ALA A 241 1.84 2.25 -25.34
CA ALA A 241 2.03 3.53 -26.00
C ALA A 241 1.44 3.47 -27.41
N VAL A 242 0.11 3.44 -27.51
CA VAL A 242 -0.58 3.31 -28.79
C VAL A 242 -0.21 4.44 -29.75
N GLY A 243 0.20 4.08 -30.97
CA GLY A 243 0.47 5.05 -32.00
C GLY A 243 1.82 5.72 -31.92
N ASP A 244 2.60 5.42 -30.88
CA ASP A 244 3.91 6.03 -30.74
C ASP A 244 4.92 5.35 -31.66
N GLU A 245 6.09 5.96 -31.81
CA GLU A 245 7.15 5.38 -32.64
C GLU A 245 8.37 4.98 -31.79
N GLU A 246 9.04 3.89 -32.17
CA GLU A 246 10.16 3.36 -31.39
C GLU A 246 11.26 4.39 -31.19
N THR A 247 11.95 4.28 -30.07
CA THR A 247 13.13 5.08 -29.84
C THR A 247 14.31 4.15 -29.88
N SER A 248 15.21 4.36 -30.82
CA SER A 248 16.39 3.52 -30.97
C SER A 248 17.39 3.80 -29.87
N VAL A 249 18.41 2.95 -29.76
CA VAL A 249 19.48 3.16 -28.79
C VAL A 249 20.29 4.40 -29.12
N ASP A 250 20.58 4.60 -30.41
CA ASP A 250 21.33 5.78 -30.85
C ASP A 250 20.57 7.09 -30.61
N ASP A 251 19.26 7.07 -30.87
CA ASP A 251 18.41 8.24 -30.66
C ASP A 251 18.30 8.60 -29.18
N LEU A 252 18.24 7.57 -28.33
CA LEU A 252 18.17 7.77 -26.89
C LEU A 252 19.51 8.20 -26.34
N LEU A 253 20.58 7.62 -26.88
CA LEU A 253 21.94 7.91 -26.42
C LEU A 253 22.32 9.37 -26.64
N ASN A 254 21.99 9.91 -27.80
CA ASN A 254 22.24 11.33 -28.07
C ASN A 254 21.62 12.21 -27.00
N LEU A 255 20.38 11.92 -26.64
CA LEU A 255 19.68 12.69 -25.64
C LEU A 255 20.29 12.51 -24.25
N PHE A 256 20.48 11.27 -23.86
CA PHE A 256 20.91 10.92 -22.51
C PHE A 256 22.34 11.38 -22.24
N SER A 257 23.19 11.32 -23.26
CA SER A 257 24.62 11.58 -23.09
C SER A 257 25.03 13.03 -23.33
N GLN A 258 24.33 13.71 -24.24
CA GLN A 258 24.72 15.06 -24.65
C GLN A 258 23.65 16.14 -24.45
N ILE A 259 22.51 15.98 -25.11
CA ILE A 259 21.46 17.01 -25.12
C ILE A 259 20.92 17.36 -23.72
N TRP A 260 20.47 16.34 -22.99
CA TRP A 260 19.89 16.54 -21.67
C TRP A 260 20.88 17.06 -20.60
N PRO A 261 22.08 16.47 -20.49
CA PRO A 261 22.98 17.00 -19.46
C PRO A 261 23.34 18.47 -19.73
N ALA A 262 23.35 18.84 -21.00
CA ALA A 262 23.60 20.22 -21.39
C ALA A 262 22.45 21.12 -20.93
N GLU A 263 21.23 20.69 -21.22
CA GLU A 263 20.04 21.45 -20.83
C GLU A 263 19.96 21.56 -19.31
N GLN A 264 20.31 20.50 -18.61
CA GLN A 264 20.35 20.55 -17.15
C GLN A 264 21.33 21.61 -16.68
N LYS A 265 22.52 21.64 -17.26
CA LYS A 265 23.54 22.59 -16.85
C LYS A 265 23.09 24.05 -16.99
N THR A 266 22.32 24.36 -18.03
CA THR A 266 21.83 25.73 -18.17
C THR A 266 20.84 26.08 -17.06
N TRP A 267 20.06 25.11 -16.61
CA TRP A 267 19.12 25.34 -15.52
C TRP A 267 19.83 25.52 -14.19
N ASP A 268 20.88 24.74 -13.95
CA ASP A 268 21.72 24.95 -12.78
C ASP A 268 22.25 26.38 -12.73
N GLU A 269 22.67 26.89 -13.88
CA GLU A 269 23.22 28.25 -13.96
C GLU A 269 22.18 29.30 -13.65
N LYS A 270 20.94 29.04 -14.00
CA LYS A 270 19.88 30.00 -13.73
C LYS A 270 19.41 29.96 -12.27
N LEU A 271 19.39 28.76 -11.69
CA LEU A 271 18.69 28.58 -10.42
C LEU A 271 19.53 28.36 -9.16
N ASP A 272 20.78 27.95 -9.31
CA ASP A 272 21.56 27.55 -8.13
C ASP A 272 21.88 28.68 -7.14
N ASN A 273 21.98 29.91 -7.61
CA ASN A 273 22.27 31.01 -6.69
C ASN A 273 21.02 31.69 -6.12
N GLU A 274 19.86 31.07 -6.31
CA GLU A 274 18.61 31.68 -5.86
C GLU A 274 18.62 31.92 -4.36
N LYS A 275 18.70 33.18 -3.97
CA LYS A 275 18.76 33.56 -2.55
C LYS A 275 17.38 33.59 -1.86
N TYR A 276 16.32 33.69 -2.66
CA TYR A 276 14.95 33.74 -2.16
C TYR A 276 14.04 33.67 -3.38
N SER A 277 12.74 33.47 -3.19
CA SER A 277 11.80 33.46 -4.30
C SER A 277 11.09 34.79 -4.40
N TRP A 278 10.77 35.26 -5.60
CA TRP A 278 10.07 36.54 -5.69
C TRP A 278 8.70 36.47 -5.04
N THR A 279 8.17 35.26 -4.93
CA THR A 279 6.84 35.05 -4.39
C THR A 279 6.81 35.14 -2.87
N ASP A 280 7.98 35.16 -2.23
CA ASP A 280 8.06 35.23 -0.78
C ASP A 280 7.26 36.41 -0.24
N LYS A 281 7.53 37.58 -0.80
CA LYS A 281 6.88 38.83 -0.39
C LYS A 281 5.36 38.75 -0.56
N ILE A 282 4.93 38.08 -1.62
CA ILE A 282 3.49 37.92 -1.90
C ILE A 282 2.82 36.98 -0.91
N PHE A 283 3.41 35.79 -0.74
CA PHE A 283 2.87 34.78 0.17
C PHE A 283 2.92 35.24 1.62
N SER A 284 3.78 36.22 1.90
CA SER A 284 3.92 36.72 3.27
C SER A 284 2.63 37.32 3.81
N ASN A 285 1.79 37.83 2.92
CA ASN A 285 0.53 38.44 3.37
C ASN A 285 -0.68 37.51 3.31
N ALA A 286 -0.46 36.20 3.13
CA ALA A 286 -1.55 35.24 3.09
C ALA A 286 -1.28 33.99 3.92
N ILE A 287 -0.02 33.73 4.22
CA ILE A 287 0.32 32.59 5.06
C ILE A 287 0.70 33.06 6.46
N ASP A 288 0.00 32.53 7.45
CA ASP A 288 0.26 32.81 8.85
C ASP A 288 0.26 31.50 9.61
N ASP A 289 0.40 31.55 10.93
CA ASP A 289 0.43 30.31 11.71
C ASP A 289 -0.95 29.68 11.96
N GLU A 290 -1.99 30.29 11.38
CA GLU A 290 -3.30 29.64 11.30
C GLU A 290 -3.36 28.76 10.05
N VAL A 291 -2.68 29.18 8.99
CA VAL A 291 -2.55 28.35 7.79
C VAL A 291 -1.53 27.24 8.02
N VAL A 292 -0.39 27.61 8.62
CA VAL A 292 0.69 26.67 8.88
C VAL A 292 1.03 26.60 10.37
N PRO A 293 0.39 25.69 11.11
CA PRO A 293 0.70 25.58 12.54
C PRO A 293 2.15 25.09 12.75
N LYS A 294 2.73 25.39 13.90
CA LYS A 294 4.10 24.94 14.17
C LYS A 294 4.19 23.42 14.15
N ASN A 295 5.26 22.92 13.55
CA ASN A 295 5.51 21.47 13.42
C ASN A 295 4.47 20.72 12.57
N SER A 296 3.72 21.44 11.73
CA SER A 296 2.80 20.80 10.80
C SER A 296 3.55 20.36 9.55
N THR A 297 2.91 19.58 8.69
CA THR A 297 3.47 19.24 7.39
C THR A 297 2.65 19.90 6.28
N ALA A 298 3.29 20.78 5.52
CA ALA A 298 2.64 21.48 4.43
C ALA A 298 2.81 20.72 3.11
N TYR A 299 1.76 20.71 2.29
CA TYR A 299 1.87 20.15 0.96
C TYR A 299 2.08 21.31 0.00
N VAL A 300 3.18 21.29 -0.73
CA VAL A 300 3.51 22.37 -1.67
C VAL A 300 3.56 21.86 -3.09
N PHE A 301 2.92 22.57 -4.01
CA PHE A 301 2.82 22.13 -5.40
C PHE A 301 3.28 23.27 -6.31
N THR A 302 4.35 23.04 -7.07
CA THR A 302 4.90 24.08 -7.97
C THR A 302 5.24 23.53 -9.35
N PRO A 303 4.30 23.63 -10.30
CA PRO A 303 4.50 23.06 -11.64
C PRO A 303 5.45 23.90 -12.51
N ARG A 304 5.60 25.17 -12.16
CA ARG A 304 6.48 26.09 -12.90
C ARG A 304 6.22 26.06 -14.39
N GLN A 305 4.98 26.37 -14.79
CA GLN A 305 4.61 26.37 -16.19
C GLN A 305 4.92 27.72 -16.86
N ARG A 306 4.39 28.79 -16.28
CA ARG A 306 4.56 30.11 -16.86
C ARG A 306 6.02 30.56 -16.79
N SER A 307 6.73 30.11 -15.78
CA SER A 307 8.08 30.59 -15.53
C SER A 307 8.80 29.65 -14.59
N PRO A 308 10.11 29.43 -14.82
CA PRO A 308 10.86 28.58 -13.88
C PRO A 308 10.99 29.21 -12.49
N PHE A 309 10.83 30.53 -12.43
CA PHE A 309 10.99 31.27 -11.19
C PHE A 309 9.70 31.39 -10.38
N LEU A 310 8.60 30.93 -10.97
CA LEU A 310 7.32 30.94 -10.26
C LEU A 310 7.20 29.67 -9.42
N HIS A 311 7.48 29.80 -8.12
CA HIS A 311 7.39 28.68 -7.20
C HIS A 311 7.35 29.17 -5.76
N VAL A 312 7.31 28.23 -4.83
CA VAL A 312 7.21 28.49 -3.40
C VAL A 312 8.56 28.24 -2.78
N ASN A 313 8.99 29.16 -1.92
CA ASN A 313 10.26 29.01 -1.21
C ASN A 313 10.05 28.10 -0.01
N SER A 314 10.10 26.80 -0.26
CA SER A 314 9.76 25.80 0.75
C SER A 314 10.75 25.83 1.92
N HIS A 315 11.99 26.20 1.66
CA HIS A 315 12.96 26.32 2.73
C HIS A 315 12.60 27.47 3.66
N LEU A 316 12.18 28.59 3.10
CA LEU A 316 11.75 29.72 3.92
C LEU A 316 10.46 29.38 4.66
N LEU A 317 9.59 28.64 4.00
CA LEU A 317 8.35 28.18 4.63
C LEU A 317 8.69 27.38 5.89
N ALA A 318 9.47 26.33 5.73
CA ALA A 318 9.87 25.50 6.86
C ALA A 318 10.58 26.30 7.95
N GLU A 319 11.40 27.27 7.56
CA GLU A 319 12.14 28.06 8.54
C GLU A 319 11.21 28.95 9.35
N LYS A 320 10.40 29.74 8.66
CA LYS A 320 9.57 30.74 9.31
C LYS A 320 8.41 30.16 10.11
N PHE A 321 7.89 29.01 9.69
CA PHE A 321 6.75 28.44 10.40
C PHE A 321 7.07 27.17 11.17
N THR A 322 8.35 26.84 11.25
CA THR A 322 8.84 25.66 11.96
C THR A 322 8.01 24.44 11.58
N CYS A 323 7.88 24.22 10.28
CA CYS A 323 7.04 23.15 9.77
C CYS A 323 7.82 22.26 8.82
N ASN A 324 7.30 21.08 8.54
CA ASN A 324 7.88 20.20 7.54
C ASN A 324 7.19 20.44 6.21
N VAL A 325 7.88 20.22 5.10
CA VAL A 325 7.31 20.54 3.80
C VAL A 325 7.58 19.42 2.80
N TRP A 326 6.54 19.03 2.06
CA TRP A 326 6.68 18.21 0.87
C TRP A 326 6.31 19.05 -0.35
N ASN A 327 7.27 19.25 -1.24
CA ASN A 327 7.09 20.12 -2.39
C ASN A 327 7.17 19.28 -3.65
N VAL A 328 6.06 19.26 -4.40
CA VAL A 328 5.95 18.51 -5.64
C VAL A 328 6.44 19.38 -6.80
N GLU A 329 7.33 18.82 -7.63
CA GLU A 329 7.77 19.47 -8.86
C GLU A 329 7.31 18.60 -10.03
N THR A 330 7.04 19.22 -11.18
CA THR A 330 6.65 18.44 -12.36
C THR A 330 7.63 18.60 -13.52
N LYS A 331 8.60 19.50 -13.36
CA LYS A 331 9.64 19.70 -14.38
C LYS A 331 10.95 19.06 -13.91
N GLU A 332 11.39 18.01 -14.61
CA GLU A 332 12.57 17.25 -14.21
C GLU A 332 13.81 18.10 -13.90
N TYR A 333 14.09 19.08 -14.76
CA TYR A 333 15.30 19.88 -14.63
C TYR A 333 15.21 20.78 -13.41
N LEU A 334 14.00 21.22 -13.11
CA LEU A 334 13.78 22.16 -12.02
C LEU A 334 13.71 21.39 -10.69
N TYR A 335 13.20 20.17 -10.75
CA TYR A 335 13.24 19.27 -9.61
C TYR A 335 14.67 18.99 -9.18
N ARG A 336 15.54 18.73 -10.16
CA ARG A 336 16.96 18.53 -9.87
C ARG A 336 17.53 19.74 -9.09
N THR A 337 17.26 20.95 -9.56
CA THR A 337 17.78 22.14 -8.88
C THR A 337 17.24 22.29 -7.47
N SER A 338 16.04 21.75 -7.22
CA SER A 338 15.52 21.75 -5.86
C SER A 338 16.29 20.77 -4.98
N LEU A 339 16.70 19.64 -5.55
CA LEU A 339 17.55 18.69 -4.82
C LEU A 339 18.92 19.31 -4.52
N THR A 340 19.45 20.07 -5.47
CA THR A 340 20.72 20.75 -5.26
C THR A 340 20.62 21.71 -4.08
N LYS A 341 19.56 22.52 -4.07
CA LYS A 341 19.32 23.43 -2.96
C LYS A 341 19.16 22.66 -1.64
N ALA A 342 18.40 21.57 -1.66
CA ALA A 342 18.16 20.79 -0.45
C ALA A 342 19.46 20.28 0.17
N ASN A 343 20.39 19.82 -0.65
CA ASN A 343 21.65 19.31 -0.14
C ASN A 343 22.54 20.37 0.46
N ASN A 344 22.47 21.58 -0.09
CA ASN A 344 23.27 22.66 0.44
C ASN A 344 22.68 23.25 1.72
N GLN A 345 21.36 23.33 1.81
CA GLN A 345 20.72 23.86 3.00
C GLN A 345 20.75 22.89 4.17
N LYS A 346 20.56 21.61 3.89
CA LYS A 346 20.55 20.59 4.94
C LYS A 346 19.53 20.89 6.04
N ASP A 347 18.31 21.21 5.63
CA ASP A 347 17.16 21.28 6.54
C ASP A 347 16.30 20.05 6.25
N GLN A 348 16.35 19.08 7.16
CA GLN A 348 15.72 17.78 6.94
C GLN A 348 14.20 17.85 6.90
N ARG A 349 13.65 18.99 7.32
CA ARG A 349 12.22 19.18 7.31
C ARG A 349 11.66 19.38 5.91
N VAL A 350 12.54 19.69 4.95
CA VAL A 350 12.11 20.01 3.59
C VAL A 350 12.40 18.85 2.66
N ARG A 351 11.37 18.41 1.93
CA ARG A 351 11.49 17.28 1.03
C ARG A 351 10.86 17.62 -0.32
N PHE A 352 11.39 17.03 -1.39
CA PHE A 352 10.84 17.24 -2.72
C PHE A 352 10.56 15.90 -3.37
N GLY A 353 9.61 15.89 -4.29
CA GLY A 353 9.36 14.72 -5.10
C GLY A 353 9.03 15.21 -6.50
N TRP A 354 9.31 14.38 -7.49
CA TRP A 354 8.85 14.66 -8.83
C TRP A 354 7.66 13.76 -9.15
N ASN A 355 6.65 14.35 -9.77
CA ASN A 355 5.55 13.60 -10.35
C ASN A 355 5.19 14.20 -11.71
N GLU A 356 4.59 13.40 -12.57
CA GLU A 356 4.21 13.87 -13.90
C GLU A 356 3.09 14.92 -13.82
N SER A 357 2.24 14.81 -12.81
CA SER A 357 1.06 15.67 -12.68
C SER A 357 0.62 15.73 -11.24
N LEU A 358 -0.37 16.57 -10.95
CA LEU A 358 -0.96 16.61 -9.62
C LEU A 358 -1.58 15.25 -9.26
N SER A 359 -2.31 14.67 -10.21
N SER A 359 -2.31 14.70 -10.23
CA SER A 359 -2.99 13.40 -9.95
CA SER A 359 -2.98 13.41 -10.05
C SER A 359 -2.01 12.29 -9.59
C SER A 359 -2.02 12.32 -9.60
N SER A 360 -0.82 12.34 -10.15
CA SER A 360 0.22 11.37 -9.80
C SER A 360 0.60 11.46 -8.32
N SER A 361 0.81 12.69 -7.85
CA SER A 361 1.17 12.91 -6.45
C SER A 361 0.02 12.53 -5.52
N ILE A 362 -1.19 12.83 -5.94
CA ILE A 362 -2.35 12.50 -5.11
C ILE A 362 -2.47 10.99 -4.95
N ASP A 363 -2.26 10.22 -6.02
CA ASP A 363 -2.28 8.75 -5.94
C ASP A 363 -1.27 8.24 -4.93
N TYR A 364 -0.02 8.68 -5.08
CA TYR A 364 1.05 8.35 -4.14
C TYR A 364 0.63 8.55 -2.70
N TRP A 365 0.12 9.73 -2.39
CA TRP A 365 -0.19 10.06 -1.01
C TRP A 365 -1.49 9.41 -0.52
N ASN A 366 -2.42 9.20 -1.46
CA ASN A 366 -3.62 8.43 -1.16
C ASN A 366 -3.27 7.02 -0.71
N GLN A 367 -2.39 6.37 -1.46
CA GLN A 367 -1.97 5.01 -1.16
C GLN A 367 -1.31 4.92 0.21
N ARG A 368 -0.79 6.05 0.68
CA ARG A 368 -0.05 6.09 1.93
C ARG A 368 -0.87 6.66 3.09
N ASP A 369 -2.16 6.87 2.86
CA ASP A 369 -3.07 7.43 3.85
C ASP A 369 -2.55 8.71 4.52
N ALA A 370 -2.02 9.60 3.69
CA ALA A 370 -1.51 10.89 4.15
C ALA A 370 -2.65 11.86 4.36
N SER A 371 -2.52 12.69 5.39
CA SER A 371 -3.40 13.82 5.58
C SER A 371 -2.54 15.04 5.93
N PHE A 372 -2.19 15.82 4.92
CA PHE A 372 -1.35 17.00 5.13
C PHE A 372 -2.13 18.06 5.88
N ASP A 373 -1.42 19.04 6.45
CA ASP A 373 -2.06 20.04 7.30
C ASP A 373 -2.54 21.30 6.57
N CYS A 374 -1.99 21.53 5.38
CA CYS A 374 -2.33 22.70 4.57
C CYS A 374 -1.73 22.53 3.17
N VAL A 376 0.07 24.94 -0.01
CA VAL A 376 0.55 26.18 -0.61
C VAL A 376 0.97 25.83 -2.02
N ALA A 377 0.48 26.59 -3.01
CA ALA A 377 0.77 26.23 -4.40
C ALA A 377 0.82 27.42 -5.32
N THR A 378 1.60 27.29 -6.38
CA THR A 378 1.61 28.27 -7.47
C THR A 378 1.00 27.57 -8.69
N GLU A 379 0.20 28.30 -9.48
CA GLU A 379 -0.35 27.78 -10.74
C GLU A 379 -1.25 26.54 -10.64
N LEU A 380 -1.94 26.35 -9.52
CA LEU A 380 -2.81 25.18 -9.36
C LEU A 380 -3.98 25.19 -10.35
N LEU A 381 -4.79 26.23 -10.31
CA LEU A 381 -5.95 26.34 -11.19
C LEU A 381 -5.53 26.48 -12.64
N ALA A 382 -4.38 27.11 -12.86
CA ALA A 382 -3.89 27.38 -14.20
C ALA A 382 -3.51 26.10 -14.95
N THR A 383 -3.00 25.11 -14.22
CA THR A 383 -2.43 23.91 -14.85
C THR A 383 -3.22 22.61 -14.63
N CYS A 384 -4.08 22.57 -13.63
CA CYS A 384 -4.82 21.35 -13.28
C CYS A 384 -6.31 21.45 -13.58
N ASP A 385 -6.94 20.32 -13.83
CA ASP A 385 -8.40 20.31 -14.05
C ASP A 385 -9.19 20.11 -12.76
N ASP A 386 -10.49 20.37 -12.83
CA ASP A 386 -11.37 20.23 -11.67
C ASP A 386 -11.29 18.87 -11.02
N GLU A 387 -11.30 17.82 -11.83
CA GLU A 387 -11.26 16.46 -11.31
C GLU A 387 -10.05 16.23 -10.39
N SER A 388 -8.87 16.72 -10.78
CA SER A 388 -7.69 16.50 -9.94
CA SER A 388 -7.65 16.56 -9.97
C SER A 388 -7.68 17.43 -8.74
N ILE A 389 -8.15 18.66 -8.89
CA ILE A 389 -8.19 19.59 -7.78
C ILE A 389 -9.18 19.11 -6.71
N ASN A 390 -10.32 18.61 -7.14
CA ASN A 390 -11.32 18.08 -6.22
C ASN A 390 -10.77 16.94 -5.35
N SER A 391 -9.77 16.23 -5.86
CA SER A 391 -9.25 15.06 -5.16
C SER A 391 -8.16 15.42 -4.16
N ILE A 392 -7.80 16.69 -4.09
CA ILE A 392 -6.79 17.13 -3.14
C ILE A 392 -7.25 16.82 -1.70
N ALA A 393 -8.54 17.00 -1.45
CA ALA A 393 -9.10 16.76 -0.12
C ALA A 393 -8.81 15.36 0.42
N SER A 394 -8.65 14.40 -0.46
CA SER A 394 -8.41 13.03 -0.04
C SER A 394 -7.04 12.86 0.62
N ILE A 395 -6.17 13.86 0.48
CA ILE A 395 -4.88 13.87 1.19
C ILE A 395 -4.75 15.06 2.15
N LYS A 397 -6.15 17.04 5.79
CA LYS A 397 -6.90 16.90 7.03
C LYS A 397 -8.21 17.68 6.89
N PRO A 398 -9.22 17.36 7.72
CA PRO A 398 -10.43 18.17 7.69
C PRO A 398 -10.09 19.63 7.97
N GLU A 399 -10.67 20.54 7.20
CA GLU A 399 -10.50 21.99 7.39
C GLU A 399 -9.10 22.51 7.10
N ALA A 400 -8.29 21.72 6.40
CA ALA A 400 -6.97 22.19 5.99
C ALA A 400 -7.14 23.48 5.20
N LYS A 401 -6.26 24.45 5.43
CA LYS A 401 -6.33 25.72 4.73
C LYS A 401 -5.40 25.71 3.54
N VAL A 402 -5.76 26.43 2.49
CA VAL A 402 -4.94 26.50 1.30
C VAL A 402 -4.66 27.96 0.96
N VAL A 403 -3.54 28.18 0.26
CA VAL A 403 -3.18 29.50 -0.25
C VAL A 403 -2.66 29.29 -1.66
N LEU A 404 -3.29 29.96 -2.63
CA LEU A 404 -2.91 29.80 -4.02
C LEU A 404 -2.45 31.12 -4.61
N LEU A 405 -1.33 31.11 -5.31
CA LEU A 405 -0.92 32.26 -6.13
C LEU A 405 -1.18 31.85 -7.57
N GLU A 406 -1.94 32.65 -8.30
CA GLU A 406 -2.37 32.25 -9.63
C GLU A 406 -2.09 33.30 -10.70
N PRO A 407 -1.42 32.89 -11.79
CA PRO A 407 -1.29 33.77 -12.95
C PRO A 407 -2.60 33.82 -13.75
N VAL A 408 -3.05 35.01 -14.08
CA VAL A 408 -4.27 35.17 -14.88
C VAL A 408 -4.07 36.25 -15.91
N SER A 409 -4.99 36.34 -16.86
CA SER A 409 -5.04 37.47 -17.78
C SER A 409 -6.10 38.43 -17.27
N GLY A 410 -7.31 38.33 -17.83
CA GLY A 410 -8.43 39.07 -17.29
C GLY A 410 -8.78 38.53 -15.91
N ILE A 411 -9.13 39.41 -14.99
CA ILE A 411 -9.52 38.98 -13.65
C ILE A 411 -11.01 38.67 -13.59
N ASP A 412 -11.34 37.40 -13.38
CA ASP A 412 -12.72 36.94 -13.35
C ASP A 412 -12.98 36.30 -11.99
N GLU A 413 -13.22 37.13 -10.98
CA GLU A 413 -13.33 36.63 -9.60
C GLU A 413 -14.53 35.71 -9.37
N THR A 414 -15.66 36.05 -9.99
CA THR A 414 -16.86 35.23 -9.87
C THR A 414 -16.62 33.80 -10.37
N SER A 415 -15.90 33.70 -11.48
CA SER A 415 -15.63 32.41 -12.09
C SER A 415 -14.65 31.59 -11.26
N VAL A 416 -13.61 32.24 -10.74
CA VAL A 416 -12.62 31.58 -9.91
C VAL A 416 -13.26 30.96 -8.67
N ARG A 417 -14.15 31.70 -8.03
CA ARG A 417 -14.89 31.20 -6.89
C ARG A 417 -15.69 29.96 -7.27
N GLN A 418 -16.30 30.00 -8.44
CA GLN A 418 -17.15 28.90 -8.86
C GLN A 418 -16.37 27.62 -9.16
N ARG A 419 -15.17 27.75 -9.70
CA ARG A 419 -14.32 26.57 -9.90
C ARG A 419 -13.98 25.94 -8.55
N THR A 421 -15.35 26.40 -5.60
CA THR A 421 -16.55 25.95 -4.90
C THR A 421 -17.04 24.63 -5.48
N THR A 422 -16.83 24.43 -6.78
CA THR A 422 -17.17 23.16 -7.43
C THR A 422 -16.22 22.05 -6.98
N CYS A 423 -14.98 22.43 -6.72
CA CYS A 423 -13.94 21.47 -6.34
C CYS A 423 -13.85 21.31 -4.84
N GLY A 424 -14.83 21.83 -4.12
CA GLY A 424 -15.00 21.52 -2.71
C GLY A 424 -14.44 22.52 -1.72
N PHE A 425 -14.03 23.69 -2.18
CA PHE A 425 -13.46 24.66 -1.25
C PHE A 425 -14.54 25.54 -0.62
N LYS A 426 -14.19 26.12 0.53
CA LYS A 426 -15.10 26.99 1.26
C LYS A 426 -14.32 28.18 1.79
N ASN A 427 -15.04 29.23 2.19
CA ASN A 427 -14.41 30.44 2.71
C ASN A 427 -13.34 30.96 1.75
N ILE A 428 -13.74 31.19 0.50
CA ILE A 428 -12.84 31.66 -0.53
C ILE A 428 -12.70 33.17 -0.49
N THR A 429 -11.48 33.66 -0.42
CA THR A 429 -11.21 35.08 -0.59
C THR A 429 -10.23 35.24 -1.74
N ILE A 430 -10.36 36.33 -2.48
CA ILE A 430 -9.48 36.57 -3.62
C ILE A 430 -8.94 37.98 -3.56
N VAL A 431 -7.61 38.12 -3.56
CA VAL A 431 -6.96 39.43 -3.58
C VAL A 431 -6.10 39.58 -4.83
N ASP A 432 -6.32 40.65 -5.59
CA ASP A 432 -5.50 41.00 -6.72
C ASP A 432 -4.11 41.42 -6.21
N VAL A 433 -3.08 40.64 -6.56
CA VAL A 433 -1.72 41.00 -6.20
C VAL A 433 -0.82 41.31 -7.40
N THR A 434 -1.42 41.82 -8.47
CA THR A 434 -0.68 42.08 -9.71
C THR A 434 0.46 43.09 -9.56
N GLN A 435 0.17 44.24 -8.96
CA GLN A 435 1.18 45.29 -8.80
C GLN A 435 2.29 44.86 -7.86
N GLU A 436 1.93 44.22 -6.75
CA GLU A 436 2.92 43.70 -5.80
C GLU A 436 3.83 42.68 -6.48
N SER A 437 3.24 41.80 -7.28
CA SER A 437 3.98 40.77 -8.00
C SER A 437 4.91 41.39 -9.04
N LEU A 438 4.41 42.39 -9.77
CA LEU A 438 5.22 43.13 -10.72
C LEU A 438 6.47 43.70 -10.06
N ASN A 439 6.28 44.30 -8.89
CA ASN A 439 7.40 44.91 -8.16
C ASN A 439 8.38 43.86 -7.66
N ALA A 440 7.84 42.79 -7.08
CA ALA A 440 8.66 41.74 -6.48
C ALA A 440 9.42 40.94 -7.54
N GLU A 441 8.77 40.62 -8.65
CA GLU A 441 9.45 39.88 -9.71
C GLU A 441 10.61 40.65 -10.32
N VAL A 442 10.41 41.94 -10.59
CA VAL A 442 11.50 42.74 -11.15
C VAL A 442 12.66 42.87 -10.14
N SER A 443 12.34 43.06 -8.87
CA SER A 443 13.36 43.19 -7.83
C SER A 443 14.20 41.92 -7.78
N PHE A 444 13.53 40.78 -7.92
CA PHE A 444 14.17 39.48 -7.85
C PHE A 444 15.11 39.23 -9.04
N ILE A 445 14.68 39.62 -10.23
CA ILE A 445 15.47 39.40 -11.44
C ILE A 445 16.73 40.28 -11.46
N LYS A 446 16.59 41.53 -11.09
CA LYS A 446 17.72 42.45 -11.07
C LYS A 446 18.74 42.01 -10.03
N ASP A 447 18.23 41.56 -8.89
CA ASP A 447 19.05 41.16 -7.75
C ASP A 447 19.90 39.94 -8.07
N HIS A 448 19.37 39.06 -8.91
CA HIS A 448 20.07 37.85 -9.31
C HIS A 448 20.75 38.00 -10.66
N ASN A 449 20.62 39.18 -11.27
CA ASN A 449 21.22 39.46 -12.57
C ASN A 449 20.78 38.48 -13.64
N LEU A 450 19.50 38.10 -13.59
CA LEU A 450 18.93 37.25 -14.62
C LEU A 450 18.54 38.13 -15.79
N ASP A 451 19.15 37.92 -16.95
CA ASP A 451 18.77 38.72 -18.11
C ASP A 451 17.53 38.15 -18.75
N VAL A 452 16.43 38.15 -18.00
CA VAL A 452 15.18 37.61 -18.47
C VAL A 452 14.06 38.63 -18.28
N GLU A 453 12.90 38.37 -18.88
CA GLU A 453 11.77 39.29 -18.73
C GLU A 453 10.90 38.84 -17.59
N LEU A 454 9.98 39.70 -17.17
CA LEU A 454 9.02 39.31 -16.15
C LEU A 454 8.09 38.26 -16.74
N SER A 455 7.52 37.42 -15.88
CA SER A 455 6.51 36.45 -16.30
C SER A 455 5.44 37.14 -17.15
N GLY A 456 5.09 38.36 -16.76
CA GLY A 456 4.26 39.22 -17.59
C GLY A 456 2.77 38.97 -17.42
N CYS A 457 2.42 38.23 -16.38
CA CYS A 457 1.02 37.90 -16.12
C CYS A 457 0.47 38.72 -14.96
N ASN A 458 -0.86 38.75 -14.85
CA ASN A 458 -1.51 39.28 -13.66
C ASN A 458 -1.55 38.18 -12.60
N TYR A 459 -1.75 38.55 -11.33
CA TYR A 459 -1.74 37.57 -10.25
C TYR A 459 -2.84 37.73 -9.23
N LEU A 460 -3.45 36.60 -8.86
CA LEU A 460 -4.41 36.56 -7.79
C LEU A 460 -3.83 35.76 -6.64
N LEU A 461 -4.08 36.23 -5.42
CA LEU A 461 -3.69 35.50 -4.24
C LEU A 461 -4.98 35.02 -3.59
N ILE A 462 -5.12 33.71 -3.46
CA ILE A 462 -6.37 33.14 -2.99
C ILE A 462 -6.16 32.31 -1.72
N LYS A 463 -7.08 32.46 -0.76
CA LYS A 463 -7.07 31.67 0.46
C LYS A 463 -8.43 31.01 0.59
N ALA A 464 -8.44 29.74 1.00
CA ALA A 464 -9.69 29.02 1.25
C ALA A 464 -9.43 27.83 2.16
N SER A 465 -10.43 27.00 2.36
CA SER A 465 -10.25 25.77 3.10
C SER A 465 -11.22 24.73 2.56
N LEU A 466 -11.08 23.51 3.03
CA LEU A 466 -11.95 22.42 2.61
C LEU A 466 -12.99 22.11 3.68
N LEU B 1 -13.98 -16.54 48.12
CA LEU B 1 -14.92 -17.00 49.14
C LEU B 1 -15.91 -15.91 49.51
N TYR B 2 -15.55 -14.67 49.18
CA TYR B 2 -16.40 -13.53 49.46
C TYR B 2 -17.59 -13.48 48.50
N PHE B 3 -18.42 -12.45 48.63
CA PHE B 3 -19.64 -12.30 47.84
C PHE B 3 -19.41 -12.45 46.34
N GLN B 4 -20.10 -13.44 45.75
CA GLN B 4 -20.02 -13.73 44.33
C GLN B 4 -18.58 -13.96 43.85
N GLY B 5 -17.74 -14.48 44.74
CA GLY B 5 -16.32 -14.66 44.46
C GLY B 5 -15.98 -15.61 43.33
N HIS B 6 -17.01 -16.24 42.77
CA HIS B 6 -16.83 -17.20 41.69
C HIS B 6 -17.28 -16.64 40.33
N THR B 8 -17.80 -12.52 39.77
CA THR B 8 -17.69 -11.08 39.52
C THR B 8 -16.76 -10.79 38.34
N ALA B 9 -16.91 -9.59 37.76
CA ALA B 9 -16.06 -9.16 36.65
C ALA B 9 -14.61 -9.10 37.08
N GLU B 10 -14.37 -8.65 38.30
CA GLU B 10 -13.03 -8.60 38.87
C GLU B 10 -12.44 -9.99 38.99
N VAL B 11 -13.26 -10.94 39.42
CA VAL B 11 -12.84 -12.33 39.53
C VAL B 11 -12.48 -12.88 38.16
N ARG B 12 -13.33 -12.60 37.18
CA ARG B 12 -13.08 -13.04 35.81
C ARG B 12 -11.89 -12.32 35.19
N ARG B 13 -11.73 -11.04 35.53
CA ARG B 13 -10.57 -10.29 35.07
C ARG B 13 -9.31 -10.95 35.63
N ASP B 14 -9.38 -11.36 36.90
CA ASP B 14 -8.26 -11.99 37.60
C ASP B 14 -7.82 -13.29 36.97
N SER B 15 -8.79 -14.10 36.53
CA SER B 15 -8.48 -15.37 35.90
C SER B 15 -7.62 -15.20 34.66
N PHE B 16 -7.85 -14.11 33.92
CA PHE B 16 -7.07 -13.82 32.73
C PHE B 16 -5.67 -13.33 33.09
N LYS B 17 -5.57 -12.61 34.20
CA LYS B 17 -4.29 -12.19 34.74
C LYS B 17 -3.50 -13.41 35.18
N THR B 18 -4.11 -14.21 36.05
CA THR B 18 -3.57 -15.49 36.49
C THR B 18 -3.09 -16.34 35.32
N PHE B 19 -3.97 -16.47 34.32
CA PHE B 19 -3.66 -17.22 33.10
C PHE B 19 -2.37 -16.72 32.48
N TRP B 20 -2.30 -15.43 32.19
CA TRP B 20 -1.14 -14.89 31.49
C TRP B 20 0.09 -14.86 32.38
N ASP B 21 -0.12 -14.69 33.68
CA ASP B 21 0.96 -14.76 34.66
C ASP B 21 1.67 -16.11 34.63
N LYS B 22 0.95 -17.16 34.20
CA LYS B 22 1.55 -18.48 34.09
C LYS B 22 2.69 -18.47 33.08
N TYR B 23 2.66 -17.52 32.15
CA TYR B 23 3.68 -17.43 31.11
C TYR B 23 4.69 -16.31 31.40
N SER B 24 4.66 -15.78 32.62
CA SER B 24 5.47 -14.63 32.97
C SER B 24 6.97 -14.90 32.96
N ASP B 25 7.37 -16.10 33.34
CA ASP B 25 8.80 -16.44 33.39
C ASP B 25 9.32 -16.95 32.04
N LYS B 26 8.51 -16.82 30.99
CA LYS B 26 8.98 -17.11 29.64
C LYS B 26 8.57 -16.01 28.66
N PRO B 27 9.27 -14.86 28.75
CA PRO B 27 9.00 -13.69 27.91
C PRO B 27 9.56 -13.89 26.51
N ASP B 28 8.90 -14.75 25.73
CA ASP B 28 9.39 -15.09 24.40
C ASP B 28 8.27 -15.30 23.39
N THR B 29 8.65 -15.54 22.14
CA THR B 29 7.70 -15.70 21.06
C THR B 29 6.81 -16.93 21.24
N ASN B 30 7.37 -17.98 21.85
CA ASN B 30 6.56 -19.15 22.17
C ASN B 30 5.34 -18.77 23.02
N SER B 31 5.55 -17.92 24.02
CA SER B 31 4.47 -17.49 24.90
C SER B 31 3.50 -16.53 24.23
N LEU B 34 1.41 -18.63 22.03
CA LEU B 34 1.01 -19.87 22.72
C LEU B 34 1.33 -21.10 21.86
N ASN B 35 2.52 -21.08 21.26
CA ASN B 35 2.91 -22.07 20.26
C ASN B 35 4.35 -22.52 20.48
N GLN B 36 4.56 -23.83 20.55
CA GLN B 36 5.90 -24.39 20.75
C GLN B 36 6.77 -24.13 19.53
N THR B 37 6.13 -23.99 18.37
CA THR B 37 6.83 -23.77 17.11
C THR B 37 6.73 -22.31 16.66
N ALA B 38 6.74 -21.39 17.62
CA ALA B 38 6.54 -19.98 17.31
C ALA B 38 7.53 -19.48 16.27
N GLN B 39 8.80 -19.85 16.42
CA GLN B 39 9.84 -19.33 15.52
C GLN B 39 9.72 -19.73 14.06
N ASP B 40 8.88 -20.73 13.76
CA ASP B 40 8.60 -21.09 12.37
C ASP B 40 7.31 -20.46 11.90
N LEU B 41 6.76 -19.61 12.77
CA LEU B 41 5.53 -18.89 12.47
C LEU B 41 5.70 -17.40 12.70
N GLU B 42 6.65 -17.04 13.55
CA GLU B 42 6.71 -15.69 14.10
C GLU B 42 6.87 -14.60 13.04
N ALA B 43 7.91 -14.71 12.24
CA ALA B 43 8.23 -13.64 11.29
C ALA B 43 7.15 -13.46 10.20
N SER B 44 6.64 -14.56 9.68
CA SER B 44 5.68 -14.49 8.59
C SER B 44 4.32 -13.95 9.08
N ASP B 45 3.90 -14.40 10.25
CA ASP B 45 2.67 -13.90 10.86
C ASP B 45 2.78 -12.41 11.10
N ARG B 46 3.93 -11.99 11.62
CA ARG B 46 4.19 -10.58 11.88
C ARG B 46 4.08 -9.78 10.59
N ALA B 47 4.68 -10.30 9.52
CA ALA B 47 4.61 -9.63 8.22
C ALA B 47 3.17 -9.59 7.68
N ASP B 48 2.43 -10.68 7.85
CA ASP B 48 1.03 -10.72 7.40
C ASP B 48 0.27 -9.56 8.01
N ILE B 49 0.42 -9.38 9.32
CA ILE B 49 -0.31 -8.35 10.04
C ILE B 49 0.19 -6.95 9.66
N LEU B 50 1.49 -6.74 9.77
CA LEU B 50 2.06 -5.43 9.54
C LEU B 50 1.78 -4.90 8.13
N SER B 51 1.86 -5.78 7.14
CA SER B 51 1.68 -5.36 5.77
C SER B 51 0.25 -4.90 5.46
N SER B 52 -0.70 -5.23 6.33
CA SER B 52 -2.10 -4.85 6.11
C SER B 52 -2.45 -3.47 6.65
N LEU B 53 -1.52 -2.87 7.39
CA LEU B 53 -1.77 -1.59 8.06
C LEU B 53 -1.55 -0.40 7.12
N PRO B 54 -2.18 0.75 7.44
CA PRO B 54 -1.83 1.97 6.71
C PRO B 54 -0.39 2.37 6.99
N HIS B 55 0.21 3.14 6.10
CA HIS B 55 1.53 3.70 6.37
C HIS B 55 1.44 4.60 7.60
N LEU B 56 2.48 4.61 8.42
CA LEU B 56 2.39 5.21 9.75
C LEU B 56 3.14 6.54 9.95
N THR B 57 3.70 7.08 8.89
CA THR B 57 4.50 8.31 8.96
C THR B 57 3.75 9.46 9.66
N ASN B 58 4.39 10.04 10.68
CA ASN B 58 3.82 11.12 11.49
C ASN B 58 2.61 10.73 12.32
N LYS B 59 2.28 9.44 12.33
CA LYS B 59 1.11 8.96 13.06
C LYS B 59 1.42 8.50 14.50
N ASP B 60 0.45 8.69 15.38
CA ASP B 60 0.54 8.22 16.76
C ASP B 60 -0.19 6.89 16.92
N VAL B 61 0.46 5.91 17.52
CA VAL B 61 -0.04 4.55 17.59
C VAL B 61 -0.06 4.05 19.02
N VAL B 62 -1.11 3.34 19.40
CA VAL B 62 -1.03 2.58 20.64
C VAL B 62 -1.13 1.08 20.35
N ASP B 63 -0.23 0.32 20.97
CA ASP B 63 -0.18 -1.13 20.83
C ASP B 63 -0.66 -1.67 22.17
N ILE B 64 -1.94 -2.04 22.24
CA ILE B 64 -2.53 -2.50 23.50
C ILE B 64 -2.43 -4.01 23.61
N GLY B 65 -1.88 -4.49 24.71
CA GLY B 65 -1.61 -5.92 24.87
C GLY B 65 -0.37 -6.32 24.08
N ALA B 66 0.65 -5.47 24.15
CA ALA B 66 1.82 -5.58 23.27
C ALA B 66 2.75 -6.77 23.58
N GLY B 67 2.69 -7.30 24.80
CA GLY B 67 3.56 -8.39 25.18
C GLY B 67 5.02 -7.96 25.16
N ILE B 68 5.89 -8.78 24.58
CA ILE B 68 7.30 -8.44 24.51
C ILE B 68 7.64 -7.48 23.36
N GLY B 69 6.61 -7.00 22.67
CA GLY B 69 6.79 -5.96 21.67
C GLY B 69 7.05 -6.45 20.27
N ARG B 70 6.53 -7.64 19.94
CA ARG B 70 6.70 -8.20 18.60
C ARG B 70 6.31 -7.18 17.52
N PHE B 71 5.17 -6.53 17.70
CA PHE B 71 4.72 -5.52 16.75
C PHE B 71 5.21 -4.10 17.05
N THR B 72 5.29 -3.75 18.34
CA THR B 72 5.77 -2.43 18.75
C THR B 72 7.12 -2.10 18.13
N THR B 73 8.01 -3.08 18.09
CA THR B 73 9.32 -2.92 17.49
C THR B 73 9.23 -2.37 16.06
N VAL B 74 8.32 -2.91 15.26
CA VAL B 74 8.24 -2.52 13.86
C VAL B 74 7.39 -1.26 13.69
N LEU B 75 6.28 -1.18 14.42
CA LEU B 75 5.42 0.00 14.36
C LEU B 75 6.24 1.27 14.62
N ALA B 76 7.11 1.20 15.62
CA ALA B 76 7.91 2.34 16.02
C ALA B 76 8.94 2.74 14.97
N GLU B 77 9.24 1.86 14.03
CA GLU B 77 10.22 2.14 12.99
C GLU B 77 9.70 3.17 11.99
N THR B 78 8.38 3.30 11.89
CA THR B 78 7.80 4.28 10.98
C THR B 78 6.85 5.28 11.66
N ALA B 79 6.25 4.88 12.79
CA ALA B 79 5.30 5.75 13.50
C ALA B 79 6.03 6.95 14.10
N ARG B 80 5.29 8.02 14.38
CA ARG B 80 5.87 9.12 15.14
C ARG B 80 6.18 8.65 16.56
N TRP B 81 5.20 7.97 17.16
CA TRP B 81 5.29 7.60 18.56
C TRP B 81 4.38 6.40 18.81
N VAL B 82 4.86 5.46 19.62
CA VAL B 82 4.08 4.28 19.97
C VAL B 82 3.97 4.13 21.48
N LEU B 83 2.74 4.00 21.99
CA LEU B 83 2.53 3.57 23.35
C LEU B 83 2.37 2.06 23.33
N SER B 84 3.15 1.37 24.15
CA SER B 84 3.15 -0.08 24.16
C SER B 84 2.73 -0.57 25.55
N THR B 85 1.54 -1.15 25.65
CA THR B 85 0.99 -1.54 26.94
C THR B 85 0.80 -3.06 27.11
N ASP B 86 0.82 -3.51 28.36
CA ASP B 86 0.52 -4.90 28.70
C ASP B 86 0.28 -4.98 30.20
N PHE B 87 -0.36 -6.05 30.65
CA PHE B 87 -0.54 -6.20 32.10
C PHE B 87 0.47 -7.14 32.78
N ILE B 88 1.35 -7.74 31.99
CA ILE B 88 2.42 -8.56 32.55
C ILE B 88 3.74 -7.79 32.55
N GLU B 89 4.22 -7.49 33.75
CA GLU B 89 5.43 -6.68 33.93
C GLU B 89 6.64 -7.30 33.23
N SER B 90 6.82 -8.60 33.38
CA SER B 90 7.95 -9.27 32.74
C SER B 90 7.91 -9.15 31.22
N PHE B 91 6.72 -9.04 30.65
CA PHE B 91 6.58 -8.88 29.20
C PHE B 91 7.01 -7.49 28.78
N ILE B 92 6.53 -6.47 29.49
CA ILE B 92 6.90 -5.09 29.19
C ILE B 92 8.40 -4.85 29.43
N GLU B 93 8.94 -5.47 30.47
CA GLU B 93 10.38 -5.36 30.70
C GLU B 93 11.18 -5.91 29.51
N LYS B 94 10.72 -7.02 28.95
CA LYS B 94 11.36 -7.60 27.77
C LYS B 94 11.19 -6.68 26.57
N ASN B 95 10.00 -6.12 26.42
CA ASN B 95 9.69 -5.10 25.41
C ASN B 95 10.72 -3.97 25.45
N GLN B 96 10.91 -3.39 26.64
CA GLN B 96 11.88 -2.32 26.84
C GLN B 96 13.30 -2.73 26.46
N GLU B 97 13.70 -3.90 26.97
CA GLU B 97 14.99 -4.49 26.63
C GLU B 97 15.18 -4.58 25.11
N ARG B 98 14.23 -5.21 24.42
CA ARG B 98 14.33 -5.40 22.97
C ARG B 98 14.40 -4.08 22.22
N ASN B 99 13.82 -3.04 22.79
CA ASN B 99 13.66 -1.77 22.08
C ASN B 99 14.38 -0.59 22.71
N ALA B 100 15.41 -0.88 23.50
CA ALA B 100 16.15 0.14 24.24
C ALA B 100 16.84 1.13 23.31
N HIS B 101 17.14 0.71 22.09
CA HIS B 101 17.84 1.57 21.15
C HIS B 101 16.86 2.49 20.42
N GLY B 103 13.82 5.31 20.43
CA GLY B 103 13.54 6.44 21.31
C GLY B 103 12.13 6.99 21.25
N ASN B 104 11.28 6.41 20.42
CA ASN B 104 9.92 6.95 20.25
C ASN B 104 8.84 6.04 20.80
N ILE B 105 9.17 5.28 21.84
CA ILE B 105 8.22 4.36 22.45
C ILE B 105 8.01 4.68 23.93
N SER B 106 6.76 4.73 24.33
CA SER B 106 6.39 4.85 25.74
C SER B 106 5.75 3.55 26.18
N TYR B 107 6.00 3.14 27.42
CA TYR B 107 5.53 1.85 27.93
C TYR B 107 4.61 2.03 29.12
N GLN B 108 3.59 1.18 29.21
CA GLN B 108 2.70 1.24 30.35
C GLN B 108 2.27 -0.15 30.76
N ILE B 109 2.44 -0.46 32.05
CA ILE B 109 1.95 -1.72 32.59
C ILE B 109 0.57 -1.46 33.16
N GLY B 110 -0.44 -2.12 32.60
CA GLY B 110 -1.80 -1.97 33.07
C GLY B 110 -2.76 -2.80 32.25
N ASP B 111 -3.90 -3.13 32.87
CA ASP B 111 -4.94 -3.89 32.20
C ASP B 111 -5.69 -3.01 31.20
N ALA B 112 -5.75 -3.46 29.96
CA ALA B 112 -6.39 -2.72 28.86
C ALA B 112 -7.77 -2.15 29.19
N VAL B 113 -8.52 -2.87 30.03
CA VAL B 113 -9.88 -2.47 30.39
C VAL B 113 -9.89 -1.14 31.14
N HIS B 114 -8.80 -0.83 31.84
CA HIS B 114 -8.73 0.37 32.66
C HIS B 114 -7.83 1.45 32.08
N LEU B 115 -7.33 1.19 30.87
CA LEU B 115 -6.51 2.14 30.12
C LEU B 115 -7.34 3.37 29.75
N GLN B 116 -6.77 4.56 29.95
CA GLN B 116 -7.46 5.78 29.57
C GLN B 116 -6.56 6.67 28.73
N ASP B 118 -6.75 10.66 26.25
CA ASP B 118 -7.50 11.82 25.80
C ASP B 118 -8.31 11.50 24.53
N GLU B 119 -9.35 12.29 24.29
CA GLU B 119 -10.13 12.20 23.06
C GLU B 119 -9.26 12.63 21.89
N LYS B 120 -9.45 11.98 20.75
CA LYS B 120 -8.77 12.37 19.50
C LYS B 120 -7.26 12.44 19.71
N SER B 121 -6.70 11.41 20.32
CA SER B 121 -5.30 11.43 20.69
C SER B 121 -4.43 10.37 19.99
N VAL B 122 -5.06 9.52 19.18
CA VAL B 122 -4.31 8.48 18.46
C VAL B 122 -4.79 8.29 17.03
N ASP B 123 -3.90 7.87 16.17
CA ASP B 123 -4.24 7.66 14.77
C ASP B 123 -4.53 6.20 14.46
N LEU B 124 -3.93 5.29 15.24
CA LEU B 124 -4.16 3.87 15.07
C LEU B 124 -4.15 3.16 16.40
N VAL B 125 -5.24 2.46 16.71
CA VAL B 125 -5.22 1.53 17.83
C VAL B 125 -4.87 0.17 17.23
N PHE B 126 -3.74 -0.39 17.67
CA PHE B 126 -3.31 -1.69 17.18
C PHE B 126 -3.52 -2.73 18.26
N THR B 127 -4.23 -3.80 17.91
CA THR B 127 -4.30 -4.95 18.79
C THR B 127 -4.06 -6.20 17.95
N ASN B 128 -3.59 -7.26 18.59
CA ASN B 128 -3.43 -8.55 17.94
C ASN B 128 -3.56 -9.61 19.03
N TRP B 129 -4.67 -10.35 18.99
CA TRP B 129 -5.03 -11.32 20.03
C TRP B 129 -5.28 -10.59 21.35
N LEU B 130 -6.40 -9.87 21.44
CA LEU B 130 -6.74 -9.19 22.68
C LEU B 130 -8.19 -9.40 23.12
N TYR B 133 -9.39 -12.17 25.24
CA TYR B 133 -9.03 -12.16 26.65
C TYR B 133 -9.90 -11.16 27.42
N LEU B 134 -11.02 -10.78 26.84
CA LEU B 134 -11.97 -9.85 27.45
C LEU B 134 -13.38 -10.43 27.43
N SER B 135 -14.16 -10.17 28.47
CA SER B 135 -15.57 -10.58 28.47
C SER B 135 -16.29 -9.82 27.36
N ASP B 136 -17.43 -10.33 26.93
CA ASP B 136 -18.23 -9.67 25.91
C ASP B 136 -18.42 -8.20 26.28
N ARG B 137 -18.79 -7.92 27.52
CA ARG B 137 -18.99 -6.54 27.98
C ARG B 137 -17.70 -5.70 27.86
N GLU B 138 -16.58 -6.28 28.27
CA GLU B 138 -15.30 -5.58 28.18
C GLU B 138 -14.88 -5.33 26.73
N VAL B 139 -15.27 -6.23 25.83
CA VAL B 139 -14.99 -6.03 24.41
C VAL B 139 -15.72 -4.79 23.90
N ILE B 140 -17.00 -4.70 24.20
CA ILE B 140 -17.81 -3.56 23.76
C ILE B 140 -17.28 -2.23 24.28
N GLU B 141 -17.01 -2.17 25.59
CA GLU B 141 -16.48 -0.96 26.19
C GLU B 141 -15.12 -0.60 25.59
N PHE B 142 -14.33 -1.60 25.24
CA PHE B 142 -13.03 -1.36 24.62
C PHE B 142 -13.18 -0.63 23.31
N LEU B 143 -14.07 -1.14 22.44
CA LEU B 143 -14.27 -0.53 21.13
C LEU B 143 -14.80 0.89 21.26
N LEU B 144 -15.62 1.11 22.27
CA LEU B 144 -16.14 2.45 22.53
C LEU B 144 -15.05 3.40 23.06
N ASN B 145 -14.08 2.85 23.79
CA ASN B 145 -12.88 3.61 24.13
C ASN B 145 -12.12 4.00 22.87
N ALA B 146 -11.92 3.03 21.99
CA ALA B 146 -11.22 3.27 20.72
C ALA B 146 -11.92 4.40 19.95
N ARG B 148 -13.46 6.78 21.17
CA ARG B 148 -13.14 8.02 21.86
C ARG B 148 -11.74 8.54 21.52
N TRP B 149 -10.77 7.62 21.54
CA TRP B 149 -9.36 7.94 21.36
C TRP B 149 -8.98 8.32 19.94
N LEU B 150 -9.57 7.64 18.97
CA LEU B 150 -9.17 7.77 17.57
C LEU B 150 -9.46 9.16 17.01
N ARG B 151 -8.46 9.74 16.34
CA ARG B 151 -8.65 10.97 15.59
C ARG B 151 -9.54 10.70 14.36
N ALA B 152 -10.01 11.78 13.72
CA ALA B 152 -10.78 11.65 12.47
C ALA B 152 -10.06 10.74 11.49
N ASP B 153 -10.80 9.80 10.90
CA ASP B 153 -10.24 8.84 9.94
C ASP B 153 -9.11 7.99 10.50
N GLY B 154 -9.11 7.77 11.81
CA GLY B 154 -8.13 6.91 12.43
C GLY B 154 -8.56 5.46 12.28
N TYR B 155 -7.67 4.53 12.63
CA TYR B 155 -7.91 3.11 12.39
C TYR B 155 -7.76 2.28 13.65
N ILE B 156 -8.49 1.18 13.72
CA ILE B 156 -8.23 0.14 14.70
C ILE B 156 -7.95 -1.15 13.96
N HIS B 157 -6.90 -1.85 14.34
CA HIS B 157 -6.66 -3.20 13.83
C HIS B 157 -6.96 -4.20 14.93
N LEU B 158 -7.71 -5.25 14.57
CA LEU B 158 -8.04 -6.33 15.49
C LEU B 158 -7.72 -7.65 14.81
N ARG B 159 -7.22 -8.61 15.57
CA ARG B 159 -6.96 -9.96 15.07
C ARG B 159 -7.29 -10.92 16.20
N GLU B 160 -8.15 -11.89 15.95
CA GLU B 160 -8.58 -12.78 17.02
C GLU B 160 -8.64 -14.24 16.59
N SER B 161 -8.49 -15.13 17.57
CA SER B 161 -8.75 -16.54 17.35
C SER B 161 -10.25 -16.77 17.41
N CYS B 162 -10.84 -17.06 16.26
CA CYS B 162 -12.28 -17.25 16.18
C CYS B 162 -12.67 -18.73 16.22
N SER B 163 -13.70 -19.04 16.99
CA SER B 163 -14.31 -20.36 17.07
C SER B 163 -13.46 -21.47 17.69
N GLU B 164 -12.14 -21.40 17.52
CA GLU B 164 -11.23 -22.40 18.07
C GLU B 164 -9.82 -21.85 18.25
N PRO B 165 -8.99 -22.50 19.08
CA PRO B 165 -7.63 -21.99 19.29
C PRO B 165 -6.84 -21.89 17.99
N SER B 166 -5.83 -21.03 17.99
CA SER B 166 -4.99 -20.87 16.81
C SER B 166 -4.37 -22.20 16.40
N THR B 167 -4.19 -23.08 17.38
CA THR B 167 -3.51 -24.34 17.17
C THR B 167 -4.43 -25.53 16.90
N GLY B 168 -5.69 -25.26 16.56
CA GLY B 168 -6.58 -26.31 16.06
C GLY B 168 -7.22 -27.23 17.09
N ARG B 169 -8.13 -28.09 16.61
CA ARG B 169 -8.88 -29.04 17.43
C ARG B 169 -8.03 -29.81 18.44
N LEU B 170 -7.07 -30.57 17.91
CA LEU B 170 -6.28 -31.51 18.67
C LEU B 170 -4.87 -31.55 18.10
N LYS B 171 -4.27 -30.38 17.92
CA LYS B 171 -2.92 -30.32 17.36
C LYS B 171 -1.90 -30.00 18.44
N THR B 172 -0.73 -30.60 18.31
CA THR B 172 0.38 -30.32 19.20
C THR B 172 0.88 -28.91 18.97
N ALA B 173 2.04 -28.61 19.54
CA ALA B 173 2.61 -27.25 19.53
C ALA B 173 1.81 -26.25 20.37
N THR B 174 0.63 -26.64 20.85
CA THR B 174 -0.12 -25.75 21.73
C THR B 174 0.57 -25.63 23.09
N HIS B 176 -1.21 -24.41 25.58
CA HIS B 176 -2.32 -24.56 26.51
C HIS B 176 -2.13 -25.80 27.36
N SER B 177 -2.52 -25.70 28.63
CA SER B 177 -2.39 -26.83 29.57
C SER B 177 -3.26 -28.00 29.12
N ALA B 178 -2.74 -29.21 29.31
CA ALA B 178 -3.46 -30.42 28.95
C ALA B 178 -4.65 -30.66 29.88
N VAL B 179 -4.62 -30.05 31.06
CA VAL B 179 -5.67 -30.26 32.05
C VAL B 179 -6.42 -28.99 32.47
N ASP B 180 -5.69 -27.91 32.72
CA ASP B 180 -6.27 -26.68 33.28
C ASP B 180 -7.34 -26.05 32.38
N ALA B 181 -8.27 -25.34 32.99
CA ALA B 181 -9.32 -24.66 32.25
C ALA B 181 -8.75 -23.47 31.49
N ASN B 182 -9.12 -23.36 30.23
CA ASN B 182 -8.73 -22.24 29.39
C ASN B 182 -9.85 -21.21 29.43
N PRO B 183 -9.55 -19.99 29.89
CA PRO B 183 -10.59 -18.97 29.99
C PRO B 183 -10.84 -18.21 28.68
N THR B 184 -10.05 -18.49 27.65
CA THR B 184 -10.12 -17.74 26.39
C THR B 184 -11.49 -17.85 25.73
N HIS B 185 -11.99 -16.73 25.24
CA HIS B 185 -13.22 -16.74 24.46
C HIS B 185 -12.87 -16.84 22.99
N TYR B 186 -13.41 -17.85 22.32
CA TYR B 186 -13.21 -18.01 20.89
C TYR B 186 -14.53 -17.73 20.15
N ARG B 187 -14.77 -16.45 19.86
CA ARG B 187 -16.03 -16.00 19.28
C ARG B 187 -16.11 -16.23 17.77
N PHE B 188 -17.33 -16.41 17.26
CA PHE B 188 -17.53 -16.50 15.81
C PHE B 188 -17.04 -15.19 15.19
N SER B 189 -16.34 -15.30 14.06
CA SER B 189 -15.80 -14.13 13.37
C SER B 189 -16.90 -13.14 13.02
N SER B 190 -18.08 -13.68 12.75
CA SER B 190 -19.24 -12.88 12.36
C SER B 190 -19.67 -11.92 13.47
N LEU B 191 -19.51 -12.34 14.72
CA LEU B 191 -19.91 -11.50 15.85
C LEU B 191 -19.09 -10.22 15.88
N TYR B 192 -17.78 -10.38 15.63
CA TYR B 192 -16.88 -9.24 15.63
C TYR B 192 -17.20 -8.26 14.52
N ILE B 193 -17.46 -8.76 13.31
CA ILE B 193 -17.79 -7.86 12.21
C ILE B 193 -19.09 -7.12 12.49
N LYS B 194 -20.13 -7.86 12.86
CA LYS B 194 -21.42 -7.26 13.16
C LYS B 194 -21.36 -6.21 14.29
N LEU B 195 -20.57 -6.48 15.32
CA LEU B 195 -20.41 -5.49 16.40
C LEU B 195 -19.72 -4.23 15.91
N LEU B 196 -18.61 -4.39 15.20
CA LEU B 196 -17.90 -3.24 14.65
C LEU B 196 -18.79 -2.38 13.77
N ARG B 197 -19.65 -3.04 12.99
CA ARG B 197 -20.53 -2.34 12.05
C ARG B 197 -21.75 -1.73 12.72
N ALA B 198 -22.10 -2.24 13.91
CA ALA B 198 -23.30 -1.78 14.60
C ALA B 198 -23.05 -0.52 15.41
N ILE B 199 -21.84 -0.41 15.95
CA ILE B 199 -21.50 0.70 16.85
C ILE B 199 -21.76 2.08 16.23
N ARG B 200 -22.49 2.90 16.96
CA ARG B 200 -22.66 4.32 16.64
C ARG B 200 -22.25 5.11 17.87
N TYR B 201 -21.31 6.04 17.69
CA TYR B 201 -20.74 6.78 18.81
C TYR B 201 -20.84 8.30 18.64
N ARG B 202 -21.24 8.99 19.70
CA ARG B 202 -21.34 10.45 19.72
C ARG B 202 -20.19 11.06 20.52
N ASP B 203 -19.33 11.85 19.87
CA ASP B 203 -18.22 12.46 20.61
C ASP B 203 -18.66 13.67 21.44
N SER B 204 -17.74 14.23 22.23
CA SER B 204 -18.07 15.32 23.14
C SER B 204 -18.39 16.62 22.40
N ASP B 205 -18.20 16.62 21.09
CA ASP B 205 -18.54 17.78 20.27
C ASP B 205 -19.88 17.55 19.57
N GLY B 206 -20.57 16.48 19.95
CA GLY B 206 -21.87 16.15 19.42
C GLY B 206 -21.85 15.47 18.07
N LYS B 207 -20.66 15.08 17.61
CA LYS B 207 -20.53 14.45 16.30
C LYS B 207 -20.78 12.94 16.36
N TRP B 209 -20.29 9.14 14.92
CA TRP B 209 -19.33 8.35 14.18
C TRP B 209 -19.74 6.89 14.08
N LYS B 210 -19.18 6.19 13.11
CA LYS B 210 -19.40 4.76 12.94
C LYS B 210 -18.12 4.16 12.44
N PHE B 211 -18.11 2.83 12.32
CA PHE B 211 -16.94 2.13 11.83
C PHE B 211 -17.17 1.66 10.41
N ASP B 212 -16.14 1.74 9.58
CA ASP B 212 -16.12 1.10 8.27
C ASP B 212 -15.14 -0.05 8.36
N VAL B 213 -15.65 -1.28 8.46
CA VAL B 213 -14.82 -2.47 8.42
C VAL B 213 -14.46 -2.68 6.97
N GLN B 214 -13.18 -2.50 6.65
CA GLN B 214 -12.80 -2.44 5.24
C GLN B 214 -12.57 -3.82 4.64
N TRP B 215 -12.38 -4.80 5.51
CA TRP B 215 -12.21 -6.20 5.12
C TRP B 215 -12.10 -7.10 6.33
N SER B 216 -12.41 -8.38 6.11
CA SER B 216 -12.16 -9.45 7.07
C SER B 216 -11.37 -10.53 6.37
N CYS B 217 -10.19 -10.86 6.87
CA CYS B 217 -9.32 -11.84 6.22
C CYS B 217 -8.69 -12.82 7.18
N SER B 218 -8.41 -14.02 6.69
CA SER B 218 -7.66 -15.01 7.45
C SER B 218 -6.17 -14.69 7.34
N VAL B 219 -5.43 -14.86 8.44
CA VAL B 219 -3.99 -14.65 8.39
C VAL B 219 -3.36 -15.79 7.60
N PRO B 220 -2.72 -15.47 6.45
CA PRO B 220 -2.28 -16.54 5.56
C PRO B 220 -1.28 -17.52 6.17
N THR B 221 -0.39 -17.03 7.03
CA THR B 221 0.58 -17.89 7.70
C THR B 221 -0.08 -19.10 8.35
N TYR B 222 -1.18 -18.87 9.05
CA TYR B 222 -1.89 -19.94 9.75
C TYR B 222 -2.62 -20.90 8.81
N ILE B 223 -3.05 -20.40 7.66
CA ILE B 223 -3.57 -21.31 6.64
C ILE B 223 -2.43 -22.19 6.15
N ARG B 224 -1.31 -21.57 5.80
CA ARG B 224 -0.17 -22.29 5.21
C ARG B 224 0.49 -23.27 6.15
N ARG B 225 0.56 -22.90 7.42
CA ARG B 225 1.32 -23.68 8.39
C ARG B 225 0.44 -24.59 9.23
N CYS B 226 -0.77 -24.14 9.55
CA CYS B 226 -1.65 -24.90 10.43
C CYS B 226 -2.91 -25.42 9.73
N ASN B 227 -3.16 -24.94 8.52
CA ASN B 227 -4.43 -25.17 7.86
C ASN B 227 -5.57 -24.75 8.78
N ASN B 228 -5.47 -23.52 9.28
CA ASN B 228 -6.51 -22.93 10.09
C ASN B 228 -6.87 -21.56 9.51
N TRP B 229 -8.11 -21.45 9.02
CA TRP B 229 -8.59 -20.23 8.39
C TRP B 229 -9.19 -19.29 9.43
N ARG B 230 -9.21 -19.73 10.68
CA ARG B 230 -9.96 -19.02 11.72
C ARG B 230 -9.13 -18.05 12.56
N GLN B 231 -7.97 -17.69 12.04
CA GLN B 231 -7.19 -16.59 12.57
C GLN B 231 -7.59 -15.40 11.73
N VAL B 232 -8.61 -14.68 12.20
CA VAL B 232 -9.22 -13.64 11.39
C VAL B 232 -8.77 -12.28 11.89
N HIS B 233 -8.46 -11.37 10.95
CA HIS B 233 -8.17 -9.99 11.33
C HIS B 233 -8.93 -8.95 10.48
N TRP B 234 -9.03 -7.73 11.01
CA TRP B 234 -9.86 -6.71 10.41
C TRP B 234 -9.16 -5.37 10.51
N LEU B 235 -9.29 -4.54 9.49
CA LEU B 235 -8.89 -3.14 9.56
C LEU B 235 -10.13 -2.28 9.41
N THR B 236 -10.30 -1.38 10.37
CA THR B 236 -11.53 -0.62 10.49
C THR B 236 -11.22 0.85 10.67
N LYS B 237 -11.96 1.70 9.97
CA LYS B 237 -11.72 3.14 9.95
C LYS B 237 -12.83 3.91 10.65
N LYS B 238 -12.45 4.94 11.41
CA LYS B 238 -13.45 5.82 12.04
C LYS B 238 -13.95 6.86 11.04
N VAL B 239 -15.25 6.79 10.72
CA VAL B 239 -15.85 7.67 9.71
C VAL B 239 -17.15 8.28 10.22
N PRO B 240 -17.59 9.39 9.61
CA PRO B 240 -18.80 10.08 10.08
C PRO B 240 -20.07 9.23 9.94
N ALA B 241 -21.07 9.54 10.76
CA ALA B 241 -22.34 8.82 10.75
C ALA B 241 -23.51 9.73 11.16
N VAL B 242 -23.53 10.94 10.60
CA VAL B 242 -24.52 11.96 10.93
C VAL B 242 -25.95 11.44 10.80
N GLY B 243 -26.75 11.65 11.84
CA GLY B 243 -28.14 11.25 11.79
C GLY B 243 -28.44 9.92 12.45
N ASP B 244 -27.47 9.01 12.44
CA ASP B 244 -27.67 7.70 13.06
C ASP B 244 -27.82 7.84 14.57
N GLU B 245 -28.48 6.88 15.20
CA GLU B 245 -28.73 6.91 16.65
C GLU B 245 -27.67 6.13 17.45
N GLU B 246 -27.22 6.74 18.54
CA GLU B 246 -26.19 6.15 19.39
C GLU B 246 -26.62 4.82 20.00
N THR B 247 -25.74 3.83 19.90
CA THR B 247 -26.00 2.52 20.46
C THR B 247 -25.55 2.49 21.90
N SER B 248 -26.42 2.00 22.79
CA SER B 248 -26.05 1.82 24.19
C SER B 248 -25.34 0.49 24.36
N VAL B 249 -24.44 0.42 25.35
CA VAL B 249 -23.73 -0.83 25.66
C VAL B 249 -24.68 -2.01 25.88
N ASP B 250 -25.72 -1.79 26.65
CA ASP B 250 -26.67 -2.85 26.96
C ASP B 250 -27.30 -3.45 25.71
N ASP B 251 -27.71 -2.59 24.77
CA ASP B 251 -28.31 -3.06 23.53
C ASP B 251 -27.35 -3.91 22.72
N LEU B 252 -26.13 -3.39 22.54
CA LEU B 252 -25.08 -4.11 21.84
C LEU B 252 -24.75 -5.44 22.51
N LEU B 253 -24.72 -5.43 23.84
CA LEU B 253 -24.42 -6.65 24.59
C LEU B 253 -25.41 -7.77 24.29
N ASN B 254 -26.70 -7.45 24.28
CA ASN B 254 -27.69 -8.47 23.96
C ASN B 254 -27.55 -8.99 22.53
N LEU B 255 -27.25 -8.09 21.59
CA LEU B 255 -27.02 -8.51 20.22
C LEU B 255 -25.75 -9.36 20.15
N PHE B 256 -24.69 -8.86 20.76
CA PHE B 256 -23.38 -9.50 20.68
C PHE B 256 -23.38 -10.86 21.38
N SER B 257 -24.06 -10.96 22.52
CA SER B 257 -23.98 -12.17 23.34
C SER B 257 -25.15 -13.12 23.17
N GLN B 258 -26.28 -12.61 22.72
CA GLN B 258 -27.51 -13.41 22.67
C GLN B 258 -28.06 -13.58 21.26
N ILE B 259 -28.52 -12.48 20.67
CA ILE B 259 -29.24 -12.53 19.41
C ILE B 259 -28.38 -13.03 18.25
N TRP B 260 -27.27 -12.34 18.01
CA TRP B 260 -26.37 -12.72 16.92
C TRP B 260 -25.79 -14.14 17.01
N PRO B 261 -25.37 -14.58 18.22
CA PRO B 261 -24.89 -15.97 18.29
C PRO B 261 -25.94 -16.98 17.88
N ALA B 262 -27.18 -16.76 18.32
CA ALA B 262 -28.27 -17.65 17.95
C ALA B 262 -28.55 -17.58 16.45
N GLU B 263 -28.46 -16.39 15.89
CA GLU B 263 -28.63 -16.22 14.45
C GLU B 263 -27.58 -16.99 13.66
N GLN B 264 -26.32 -16.95 14.10
CA GLN B 264 -25.27 -17.70 13.44
C GLN B 264 -25.55 -19.19 13.49
N LYS B 265 -26.00 -19.66 14.64
CA LYS B 265 -26.27 -21.06 14.86
C LYS B 265 -27.32 -21.62 13.90
N THR B 266 -28.34 -20.82 13.60
CA THR B 266 -29.36 -21.22 12.64
C THR B 266 -28.80 -21.38 11.22
N TRP B 267 -27.76 -20.61 10.90
CA TRP B 267 -27.10 -20.72 9.60
C TRP B 267 -26.12 -21.88 9.57
N ASP B 268 -25.42 -22.09 10.68
CA ASP B 268 -24.54 -23.26 10.82
C ASP B 268 -25.26 -24.56 10.49
N GLU B 269 -26.39 -24.79 11.14
CA GLU B 269 -27.17 -26.00 10.93
C GLU B 269 -27.59 -26.21 9.48
N LYS B 270 -27.95 -25.11 8.82
CA LYS B 270 -28.43 -25.20 7.44
C LYS B 270 -27.33 -25.43 6.40
N LEU B 271 -26.12 -24.97 6.71
CA LEU B 271 -25.05 -24.97 5.72
C LEU B 271 -23.85 -25.85 6.04
N ASP B 272 -23.63 -26.18 7.32
CA ASP B 272 -22.42 -26.90 7.70
C ASP B 272 -22.25 -28.24 6.99
N ASN B 273 -23.36 -28.87 6.64
CA ASN B 273 -23.27 -30.19 6.04
C ASN B 273 -23.63 -30.17 4.56
N GLU B 274 -23.53 -28.99 3.96
CA GLU B 274 -23.66 -28.82 2.52
C GLU B 274 -22.58 -29.68 1.87
N LYS B 275 -22.97 -30.48 0.89
CA LYS B 275 -22.05 -31.42 0.25
C LYS B 275 -21.50 -30.90 -1.07
N TYR B 276 -22.33 -30.12 -1.77
CA TYR B 276 -22.01 -29.51 -3.05
C TYR B 276 -22.97 -28.33 -3.19
N SER B 277 -22.84 -27.52 -4.24
CA SER B 277 -23.81 -26.44 -4.47
C SER B 277 -24.71 -26.83 -5.62
N TRP B 278 -25.95 -26.37 -5.62
CA TRP B 278 -26.82 -26.68 -6.73
C TRP B 278 -26.31 -26.08 -8.03
N THR B 279 -25.55 -24.98 -7.93
CA THR B 279 -25.06 -24.30 -9.12
C THR B 279 -23.96 -25.08 -9.84
N ASP B 280 -23.40 -26.08 -9.16
CA ASP B 280 -22.29 -26.87 -9.70
C ASP B 280 -22.55 -27.40 -11.10
N LYS B 281 -23.69 -28.06 -11.28
CA LYS B 281 -23.99 -28.67 -12.56
C LYS B 281 -24.24 -27.61 -13.62
N ILE B 282 -24.71 -26.44 -13.18
CA ILE B 282 -24.94 -25.32 -14.08
C ILE B 282 -23.62 -24.69 -14.52
N PHE B 283 -22.73 -24.43 -13.57
CA PHE B 283 -21.43 -23.83 -13.86
C PHE B 283 -20.54 -24.74 -14.70
N SER B 284 -20.58 -26.04 -14.41
CA SER B 284 -19.65 -27.01 -15.01
C SER B 284 -19.69 -27.00 -16.54
N ASN B 285 -20.84 -26.64 -17.09
CA ASN B 285 -20.97 -26.56 -18.54
C ASN B 285 -20.36 -25.28 -19.11
N ALA B 286 -20.19 -24.27 -18.26
CA ALA B 286 -19.68 -22.97 -18.70
C ALA B 286 -18.20 -22.81 -18.39
N ILE B 287 -17.73 -23.51 -17.38
CA ILE B 287 -16.34 -23.36 -16.96
C ILE B 287 -15.47 -24.43 -17.58
N ASP B 288 -14.41 -24.01 -18.27
CA ASP B 288 -13.38 -24.93 -18.74
C ASP B 288 -12.01 -24.31 -18.51
N ASP B 289 -10.95 -24.97 -18.95
CA ASP B 289 -9.59 -24.48 -18.68
C ASP B 289 -9.18 -23.27 -19.54
N GLU B 290 -10.04 -22.86 -20.47
CA GLU B 290 -9.86 -21.57 -21.11
C GLU B 290 -10.32 -20.46 -20.16
N VAL B 291 -11.39 -20.72 -19.41
CA VAL B 291 -11.81 -19.80 -18.36
C VAL B 291 -10.79 -19.83 -17.22
N VAL B 292 -10.54 -21.03 -16.70
CA VAL B 292 -9.65 -21.24 -15.55
C VAL B 292 -8.42 -22.07 -15.92
N PRO B 293 -7.33 -21.40 -16.37
CA PRO B 293 -6.10 -22.14 -16.68
C PRO B 293 -5.53 -22.86 -15.46
N LYS B 294 -4.67 -23.85 -15.70
CA LYS B 294 -4.04 -24.58 -14.60
C LYS B 294 -3.24 -23.66 -13.68
N ASN B 295 -3.41 -23.86 -12.37
CA ASN B 295 -2.68 -23.07 -11.36
C ASN B 295 -2.93 -21.56 -11.43
N SER B 296 -4.01 -21.16 -12.06
CA SER B 296 -4.39 -19.74 -12.07
C SER B 296 -4.99 -19.38 -10.71
N THR B 297 -5.43 -18.14 -10.53
CA THR B 297 -6.13 -17.74 -9.32
C THR B 297 -7.48 -17.11 -9.66
N ALA B 298 -8.56 -17.77 -9.25
CA ALA B 298 -9.91 -17.31 -9.58
C ALA B 298 -10.44 -16.33 -8.53
N TYR B 299 -11.07 -15.25 -9.01
CA TYR B 299 -11.78 -14.33 -8.13
C TYR B 299 -13.24 -14.74 -8.17
N VAL B 300 -13.81 -15.04 -7.01
CA VAL B 300 -15.20 -15.46 -6.94
C VAL B 300 -16.02 -14.50 -6.06
N PHE B 301 -17.18 -14.09 -6.56
CA PHE B 301 -18.03 -13.17 -5.81
C PHE B 301 -19.41 -13.78 -5.60
N THR B 302 -19.82 -13.90 -4.33
CA THR B 302 -21.09 -14.55 -3.99
C THR B 302 -21.80 -13.77 -2.88
N PRO B 303 -22.61 -12.77 -3.25
CA PRO B 303 -23.29 -11.93 -2.25
C PRO B 303 -24.45 -12.65 -1.56
N ARG B 304 -24.95 -13.74 -2.13
CA ARG B 304 -26.02 -14.54 -1.51
C ARG B 304 -27.20 -13.69 -1.08
N GLN B 305 -27.68 -12.85 -1.98
CA GLN B 305 -28.79 -11.96 -1.64
C GLN B 305 -30.12 -12.66 -1.88
N ARG B 306 -30.28 -13.25 -3.07
CA ARG B 306 -31.52 -13.91 -3.42
C ARG B 306 -31.74 -15.18 -2.59
N SER B 307 -30.66 -15.88 -2.28
CA SER B 307 -30.76 -17.12 -1.51
C SER B 307 -29.41 -17.45 -0.89
N PRO B 308 -29.42 -17.99 0.34
CA PRO B 308 -28.15 -18.38 0.99
C PRO B 308 -27.49 -19.58 0.33
N PHE B 309 -28.20 -20.26 -0.56
CA PHE B 309 -27.66 -21.43 -1.25
C PHE B 309 -27.26 -21.12 -2.68
N LEU B 310 -27.46 -19.87 -3.07
CA LEU B 310 -27.02 -19.41 -4.39
C LEU B 310 -25.62 -18.85 -4.25
N HIS B 311 -24.63 -19.73 -4.45
CA HIS B 311 -23.24 -19.33 -4.45
C HIS B 311 -22.41 -20.21 -5.39
N VAL B 312 -21.11 -20.26 -5.13
CA VAL B 312 -20.14 -21.00 -5.95
C VAL B 312 -19.39 -21.99 -5.08
N ASN B 313 -19.30 -23.24 -5.51
CA ASN B 313 -18.55 -24.26 -4.79
C ASN B 313 -17.07 -24.05 -5.03
N SER B 314 -16.49 -23.08 -4.34
CA SER B 314 -15.08 -22.72 -4.51
C SER B 314 -14.13 -23.90 -4.33
N HIS B 315 -14.43 -24.78 -3.38
CA HIS B 315 -13.59 -25.94 -3.13
C HIS B 315 -13.56 -26.91 -4.31
N LEU B 316 -14.70 -27.09 -4.97
CA LEU B 316 -14.76 -27.98 -6.12
C LEU B 316 -14.07 -27.35 -7.31
N LEU B 317 -14.21 -26.03 -7.45
CA LEU B 317 -13.53 -25.29 -8.50
C LEU B 317 -12.02 -25.48 -8.42
N ALA B 318 -11.47 -25.40 -7.22
CA ALA B 318 -10.04 -25.56 -7.04
C ALA B 318 -9.62 -26.99 -7.34
N GLU B 319 -10.40 -27.94 -6.85
CA GLU B 319 -10.09 -29.35 -7.06
C GLU B 319 -10.10 -29.76 -8.53
N LYS B 320 -11.16 -29.39 -9.24
CA LYS B 320 -11.37 -29.85 -10.60
C LYS B 320 -10.56 -29.06 -11.62
N PHE B 321 -10.29 -27.79 -11.33
CA PHE B 321 -9.54 -26.97 -12.25
C PHE B 321 -8.12 -26.69 -11.78
N THR B 322 -7.74 -27.33 -10.68
CA THR B 322 -6.38 -27.30 -10.15
C THR B 322 -5.87 -25.88 -10.07
N CYS B 323 -6.55 -25.06 -9.28
CA CYS B 323 -6.25 -23.64 -9.18
C CYS B 323 -6.43 -23.13 -7.76
N ASN B 324 -6.16 -21.84 -7.58
CA ASN B 324 -6.43 -21.16 -6.32
C ASN B 324 -7.69 -20.32 -6.48
N VAL B 325 -8.31 -19.95 -5.36
CA VAL B 325 -9.58 -19.25 -5.38
C VAL B 325 -9.67 -18.24 -4.24
N TRP B 326 -10.03 -17.00 -4.55
CA TRP B 326 -10.37 -16.02 -3.53
C TRP B 326 -11.87 -15.72 -3.63
N ASN B 327 -12.62 -16.15 -2.62
CA ASN B 327 -14.07 -16.04 -2.64
C ASN B 327 -14.52 -14.93 -1.71
N VAL B 328 -15.13 -13.89 -2.27
CA VAL B 328 -15.69 -12.78 -1.50
C VAL B 328 -17.11 -13.11 -1.06
N GLU B 329 -17.38 -12.95 0.24
CA GLU B 329 -18.72 -13.09 0.80
C GLU B 329 -19.12 -11.73 1.36
N THR B 330 -20.37 -11.33 1.19
CA THR B 330 -20.81 -10.05 1.73
C THR B 330 -21.75 -10.24 2.93
N LYS B 331 -22.10 -11.49 3.21
CA LYS B 331 -22.96 -11.80 4.35
C LYS B 331 -22.16 -12.41 5.50
N GLU B 332 -22.12 -11.72 6.64
CA GLU B 332 -21.33 -12.12 7.80
C GLU B 332 -21.55 -13.56 8.23
N TYR B 333 -22.80 -13.95 8.44
CA TYR B 333 -23.11 -15.28 8.93
C TYR B 333 -22.67 -16.37 7.95
N LEU B 334 -22.81 -16.10 6.67
CA LEU B 334 -22.54 -17.12 5.65
C LEU B 334 -21.03 -17.21 5.42
N TYR B 335 -20.37 -16.06 5.43
CA TYR B 335 -18.91 -15.99 5.51
C TYR B 335 -18.36 -16.87 6.62
N ARG B 336 -18.95 -16.77 7.81
CA ARG B 336 -18.55 -17.64 8.92
C ARG B 336 -18.65 -19.12 8.51
N THR B 337 -19.77 -19.51 7.91
CA THR B 337 -19.92 -20.91 7.51
C THR B 337 -18.91 -21.31 6.45
N SER B 338 -18.52 -20.36 5.59
CA SER B 338 -17.46 -20.63 4.61
C SER B 338 -16.14 -20.99 5.28
N LEU B 339 -15.75 -20.23 6.30
CA LEU B 339 -14.52 -20.52 7.05
C LEU B 339 -14.59 -21.88 7.74
N THR B 340 -15.78 -22.25 8.20
CA THR B 340 -15.99 -23.57 8.77
C THR B 340 -15.68 -24.61 7.72
N LYS B 341 -16.24 -24.42 6.53
CA LYS B 341 -16.00 -25.35 5.43
C LYS B 341 -14.52 -25.39 5.05
N ALA B 342 -13.86 -24.23 5.05
CA ALA B 342 -12.45 -24.15 4.71
C ALA B 342 -11.61 -24.99 5.67
N ASN B 343 -11.90 -24.87 6.97
CA ASN B 343 -11.19 -25.64 7.97
C ASN B 343 -11.49 -27.13 7.85
N ASN B 344 -12.73 -27.45 7.47
CA ASN B 344 -13.10 -28.85 7.26
C ASN B 344 -12.42 -29.45 6.04
N GLN B 345 -12.28 -28.67 4.98
CA GLN B 345 -11.69 -29.14 3.74
C GLN B 345 -10.17 -29.19 3.77
N LYS B 346 -9.54 -28.26 4.48
CA LYS B 346 -8.08 -28.17 4.56
C LYS B 346 -7.42 -28.09 3.18
N ASP B 347 -7.96 -27.23 2.32
CA ASP B 347 -7.37 -27.00 1.00
C ASP B 347 -6.86 -25.57 0.92
N GLN B 348 -5.56 -25.39 1.10
CA GLN B 348 -4.98 -24.05 1.25
C GLN B 348 -5.06 -23.19 -0.02
N ARG B 349 -5.51 -23.79 -1.11
CA ARG B 349 -5.73 -23.07 -2.35
C ARG B 349 -7.01 -22.24 -2.31
N VAL B 350 -7.87 -22.51 -1.33
CA VAL B 350 -9.19 -21.90 -1.30
C VAL B 350 -9.33 -20.96 -0.12
N ARG B 351 -9.54 -19.68 -0.39
CA ARG B 351 -9.59 -18.67 0.66
C ARG B 351 -10.79 -17.75 0.48
N PHE B 352 -11.25 -17.18 1.59
CA PHE B 352 -12.45 -16.36 1.61
C PHE B 352 -12.13 -15.00 2.20
N GLY B 353 -12.93 -14.03 1.83
CA GLY B 353 -12.84 -12.72 2.44
C GLY B 353 -14.26 -12.23 2.64
N TRP B 354 -14.47 -11.47 3.70
CA TRP B 354 -15.71 -10.72 3.82
C TRP B 354 -15.42 -9.27 3.44
N ASN B 355 -16.32 -8.69 2.66
CA ASN B 355 -16.29 -7.26 2.38
C ASN B 355 -17.74 -6.78 2.42
N GLU B 356 -17.95 -5.50 2.73
CA GLU B 356 -19.31 -4.97 2.73
C GLU B 356 -19.89 -5.03 1.32
N SER B 357 -19.04 -4.82 0.31
CA SER B 357 -19.49 -4.67 -1.06
C SER B 357 -18.41 -5.09 -2.04
N LEU B 358 -18.82 -5.23 -3.30
CA LEU B 358 -17.87 -5.46 -4.38
C LEU B 358 -16.76 -4.39 -4.42
N SER B 359 -17.15 -3.12 -4.38
CA SER B 359 -16.17 -2.04 -4.50
CA SER B 359 -16.19 -2.02 -4.47
C SER B 359 -15.13 -2.10 -3.38
N SER B 360 -15.55 -2.46 -2.17
CA SER B 360 -14.62 -2.59 -1.06
C SER B 360 -13.58 -3.68 -1.37
N SER B 361 -14.04 -4.77 -1.97
CA SER B 361 -13.13 -5.84 -2.38
C SER B 361 -12.19 -5.37 -3.48
N ILE B 362 -12.75 -4.72 -4.49
CA ILE B 362 -11.93 -4.23 -5.59
CA ILE B 362 -11.97 -4.19 -5.60
C ILE B 362 -10.91 -3.22 -5.07
N ASP B 363 -11.34 -2.33 -4.18
CA ASP B 363 -10.41 -1.37 -3.56
C ASP B 363 -9.31 -2.10 -2.81
N TYR B 364 -9.67 -3.15 -2.10
CA TYR B 364 -8.70 -3.93 -1.35
C TYR B 364 -7.62 -4.49 -2.26
N TRP B 365 -8.04 -5.08 -3.37
CA TRP B 365 -7.11 -5.77 -4.24
C TRP B 365 -6.31 -4.84 -5.16
N ASN B 366 -6.90 -3.70 -5.52
CA ASN B 366 -6.15 -2.68 -6.23
C ASN B 366 -5.02 -2.14 -5.37
N GLN B 367 -5.29 -1.96 -4.09
CA GLN B 367 -4.26 -1.50 -3.16
C GLN B 367 -3.13 -2.50 -3.06
N ARG B 368 -3.44 -3.74 -3.41
CA ARG B 368 -2.44 -4.81 -3.41
C ARG B 368 -1.98 -5.21 -4.81
N ASP B 369 -2.28 -4.37 -5.80
CA ASP B 369 -1.77 -4.57 -7.15
C ASP B 369 -2.06 -5.96 -7.74
N ALA B 370 -3.21 -6.51 -7.41
CA ALA B 370 -3.58 -7.86 -7.83
C ALA B 370 -4.15 -7.93 -9.24
N SER B 371 -3.79 -8.99 -9.97
CA SER B 371 -4.38 -9.26 -11.28
C SER B 371 -4.86 -10.70 -11.28
N PHE B 372 -6.16 -10.91 -11.08
CA PHE B 372 -6.74 -12.25 -11.08
C PHE B 372 -6.90 -12.77 -12.50
N ASP B 373 -6.87 -14.09 -12.67
CA ASP B 373 -6.91 -14.70 -13.99
C ASP B 373 -8.31 -14.76 -14.59
N CYS B 374 -9.30 -14.93 -13.73
CA CYS B 374 -10.68 -15.06 -14.16
C CYS B 374 -11.61 -14.72 -13.02
N VAL B 376 -15.61 -15.95 -11.45
CA VAL B 376 -16.86 -16.70 -11.45
C VAL B 376 -17.73 -16.06 -10.37
N ALA B 377 -18.95 -15.69 -10.72
CA ALA B 377 -19.80 -14.98 -9.76
C ALA B 377 -21.26 -15.38 -9.89
N THR B 378 -22.00 -15.09 -8.83
CA THR B 378 -23.44 -15.26 -8.81
C THR B 378 -24.00 -13.90 -8.41
N GLU B 379 -25.11 -13.49 -9.04
CA GLU B 379 -25.80 -12.24 -8.71
C GLU B 379 -24.93 -10.98 -8.79
N LEU B 380 -23.93 -10.99 -9.66
CA LEU B 380 -23.12 -9.79 -9.89
C LEU B 380 -23.97 -8.66 -10.48
N LEU B 381 -24.69 -8.97 -11.55
CA LEU B 381 -25.56 -7.98 -12.18
C LEU B 381 -26.76 -7.68 -11.29
N ALA B 382 -27.25 -8.69 -10.58
CA ALA B 382 -28.44 -8.51 -9.75
C ALA B 382 -28.21 -7.56 -8.57
N THR B 383 -26.96 -7.43 -8.13
CA THR B 383 -26.65 -6.76 -6.86
C THR B 383 -25.66 -5.58 -6.92
N CYS B 384 -24.97 -5.41 -8.04
CA CYS B 384 -23.93 -4.39 -8.15
C CYS B 384 -24.22 -3.34 -9.21
N ASP B 385 -23.88 -2.08 -8.90
CA ASP B 385 -24.09 -0.96 -9.82
C ASP B 385 -23.07 -0.94 -10.96
N ASP B 386 -23.33 -0.13 -11.98
CA ASP B 386 -22.43 -0.05 -13.13
C ASP B 386 -21.02 0.41 -12.76
N GLU B 387 -20.91 1.44 -11.91
CA GLU B 387 -19.61 1.93 -11.50
C GLU B 387 -18.72 0.82 -10.94
N SER B 388 -19.25 0.08 -9.97
CA SER B 388 -18.48 -0.98 -9.33
C SER B 388 -18.14 -2.11 -10.30
N ILE B 389 -19.11 -2.50 -11.12
CA ILE B 389 -18.90 -3.56 -12.09
C ILE B 389 -17.85 -3.13 -13.12
N ASN B 390 -17.90 -1.87 -13.52
CA ASN B 390 -16.95 -1.34 -14.48
C ASN B 390 -15.53 -1.27 -13.91
N SER B 391 -15.41 -1.36 -12.59
CA SER B 391 -14.10 -1.28 -11.94
C SER B 391 -13.42 -2.64 -11.79
N ILE B 392 -14.14 -3.71 -12.11
CA ILE B 392 -13.59 -5.06 -11.91
C ILE B 392 -12.32 -5.27 -12.74
N ALA B 393 -12.29 -4.70 -13.93
CA ALA B 393 -11.15 -4.84 -14.83
C ALA B 393 -9.85 -4.41 -14.16
N SER B 394 -9.94 -3.54 -13.16
CA SER B 394 -8.76 -3.04 -12.49
C SER B 394 -8.00 -4.10 -11.69
N ILE B 395 -8.69 -5.17 -11.30
CA ILE B 395 -8.03 -6.26 -10.58
C ILE B 395 -7.98 -7.56 -11.38
N LYS B 397 -6.38 -9.63 -15.07
CA LYS B 397 -5.46 -9.64 -16.21
C LYS B 397 -6.23 -9.27 -17.46
N PRO B 398 -5.55 -8.68 -18.45
CA PRO B 398 -6.20 -8.41 -19.74
C PRO B 398 -6.74 -9.70 -20.32
N GLU B 399 -7.91 -9.64 -20.96
CA GLU B 399 -8.55 -10.81 -21.57
C GLU B 399 -8.97 -11.88 -20.57
N ALA B 400 -9.16 -11.49 -19.32
CA ALA B 400 -9.64 -12.42 -18.30
C ALA B 400 -11.06 -12.85 -18.65
N LYS B 401 -11.34 -14.13 -18.48
CA LYS B 401 -12.68 -14.65 -18.79
C LYS B 401 -13.59 -14.62 -17.56
N VAL B 402 -14.87 -14.40 -17.77
CA VAL B 402 -15.83 -14.25 -16.68
C VAL B 402 -17.06 -15.14 -16.89
N VAL B 403 -17.47 -15.84 -15.84
CA VAL B 403 -18.66 -16.69 -15.86
C VAL B 403 -19.59 -16.24 -14.76
N LEU B 404 -20.83 -15.90 -15.12
CA LEU B 404 -21.79 -15.34 -14.18
C LEU B 404 -23.07 -16.15 -14.19
N LEU B 405 -23.64 -16.37 -13.01
CA LEU B 405 -24.99 -16.94 -12.94
C LEU B 405 -25.88 -15.88 -12.33
N GLU B 406 -26.88 -15.45 -13.08
CA GLU B 406 -27.72 -14.35 -12.66
C GLU B 406 -29.18 -14.76 -12.48
N PRO B 407 -29.74 -14.52 -11.29
CA PRO B 407 -31.19 -14.69 -11.16
C PRO B 407 -31.89 -13.51 -11.83
N VAL B 408 -32.92 -13.81 -12.61
CA VAL B 408 -33.69 -12.77 -13.30
C VAL B 408 -35.18 -13.06 -13.23
N SER B 409 -36.00 -12.06 -13.56
CA SER B 409 -37.41 -12.30 -13.80
C SER B 409 -37.58 -12.46 -15.30
N GLY B 410 -38.02 -11.41 -15.97
CA GLY B 410 -38.09 -11.43 -17.42
C GLY B 410 -36.70 -11.51 -18.01
N ILE B 411 -36.54 -12.31 -19.05
CA ILE B 411 -35.25 -12.42 -19.71
C ILE B 411 -35.14 -11.36 -20.81
N ASP B 412 -34.22 -10.43 -20.64
CA ASP B 412 -34.01 -9.38 -21.61
C ASP B 412 -32.54 -9.27 -21.91
N GLU B 413 -32.10 -10.02 -22.92
CA GLU B 413 -30.70 -9.99 -23.33
C GLU B 413 -30.27 -8.56 -23.65
N THR B 414 -31.16 -7.81 -24.31
CA THR B 414 -30.87 -6.43 -24.69
C THR B 414 -30.37 -5.59 -23.52
N SER B 415 -31.15 -5.55 -22.44
CA SER B 415 -30.75 -4.83 -21.24
C SER B 415 -29.45 -5.36 -20.67
N VAL B 416 -29.35 -6.68 -20.55
CA VAL B 416 -28.15 -7.29 -20.03
C VAL B 416 -26.97 -7.02 -20.95
N ARG B 417 -27.09 -7.42 -22.21
CA ARG B 417 -26.03 -7.22 -23.20
C ARG B 417 -25.57 -5.76 -23.26
N GLN B 418 -26.53 -4.84 -23.33
CA GLN B 418 -26.20 -3.43 -23.28
C GLN B 418 -25.38 -3.12 -22.05
N ARG B 419 -25.83 -3.64 -20.91
CA ARG B 419 -25.21 -3.30 -19.65
C ARG B 419 -23.76 -3.80 -19.56
N THR B 421 -21.65 -4.40 -21.98
CA THR B 421 -20.83 -3.60 -22.89
C THR B 421 -20.36 -2.31 -22.21
N THR B 422 -21.29 -1.62 -21.55
CA THR B 422 -20.97 -0.40 -20.83
C THR B 422 -19.88 -0.65 -19.80
N CYS B 423 -19.92 -1.83 -19.18
CA CYS B 423 -18.99 -2.17 -18.12
C CYS B 423 -17.71 -2.80 -18.64
N GLY B 424 -17.52 -2.74 -19.96
CA GLY B 424 -16.26 -3.15 -20.56
C GLY B 424 -16.13 -4.62 -20.90
N PHE B 425 -17.23 -5.36 -20.80
CA PHE B 425 -17.20 -6.77 -21.15
C PHE B 425 -17.14 -6.97 -22.67
N LYS B 426 -16.38 -7.97 -23.11
CA LYS B 426 -16.34 -8.33 -24.52
C LYS B 426 -16.83 -9.77 -24.70
N ASN B 427 -16.96 -10.20 -25.95
CA ASN B 427 -17.27 -11.60 -26.28
C ASN B 427 -18.39 -12.21 -25.45
N ILE B 428 -19.47 -11.45 -25.27
CA ILE B 428 -20.56 -11.84 -24.38
C ILE B 428 -21.47 -12.90 -24.99
N THR B 429 -21.54 -14.07 -24.36
CA THR B 429 -22.52 -15.08 -24.71
C THR B 429 -23.45 -15.34 -23.54
N ILE B 430 -24.72 -15.58 -23.83
CA ILE B 430 -25.72 -15.72 -22.78
C ILE B 430 -26.60 -16.96 -23.05
N VAL B 431 -26.85 -17.74 -22.00
CA VAL B 431 -27.65 -18.94 -22.11
C VAL B 431 -28.75 -18.91 -21.06
N ASP B 432 -29.98 -19.21 -21.43
CA ASP B 432 -31.04 -19.37 -20.46
C ASP B 432 -30.89 -20.77 -19.83
N VAL B 433 -30.71 -20.81 -18.51
CA VAL B 433 -30.54 -22.07 -17.78
C VAL B 433 -31.60 -22.27 -16.70
N THR B 434 -32.78 -21.69 -16.90
CA THR B 434 -33.85 -21.73 -15.90
C THR B 434 -34.33 -23.15 -15.57
N GLN B 435 -34.58 -23.95 -16.59
CA GLN B 435 -35.09 -25.31 -16.39
C GLN B 435 -34.05 -26.17 -15.71
N GLU B 436 -32.81 -26.10 -16.19
CA GLU B 436 -31.68 -26.79 -15.57
C GLU B 436 -31.52 -26.38 -14.10
N SER B 437 -31.70 -25.09 -13.82
CA SER B 437 -31.56 -24.55 -12.47
C SER B 437 -32.67 -25.04 -11.52
N LEU B 438 -33.91 -25.07 -12.01
CA LEU B 438 -35.03 -25.54 -11.19
C LEU B 438 -34.80 -26.97 -10.75
N ASN B 439 -34.36 -27.80 -11.69
CA ASN B 439 -34.07 -29.19 -11.39
C ASN B 439 -32.88 -29.34 -10.46
N ALA B 440 -31.83 -28.56 -10.71
CA ALA B 440 -30.64 -28.59 -9.87
C ALA B 440 -30.98 -28.19 -8.45
N GLU B 441 -31.76 -27.11 -8.31
CA GLU B 441 -32.09 -26.60 -6.98
C GLU B 441 -32.99 -27.55 -6.19
N VAL B 442 -34.07 -28.04 -6.79
CA VAL B 442 -34.92 -28.98 -6.07
C VAL B 442 -34.15 -30.23 -5.63
N SER B 443 -33.27 -30.73 -6.49
CA SER B 443 -32.49 -31.93 -6.18
C SER B 443 -31.60 -31.67 -4.98
N PHE B 444 -30.94 -30.52 -5.02
CA PHE B 444 -30.12 -30.06 -3.92
C PHE B 444 -30.92 -29.95 -2.62
N ILE B 445 -32.06 -29.27 -2.67
CA ILE B 445 -32.90 -29.09 -1.50
C ILE B 445 -33.30 -30.43 -0.88
N LYS B 446 -33.75 -31.35 -1.74
CA LYS B 446 -34.18 -32.66 -1.28
C LYS B 446 -33.04 -33.47 -0.68
N ASP B 447 -31.90 -33.47 -1.36
CA ASP B 447 -30.74 -34.28 -0.99
C ASP B 447 -30.14 -33.86 0.36
N HIS B 448 -30.35 -32.60 0.71
CA HIS B 448 -29.91 -32.07 2.01
C HIS B 448 -31.05 -31.99 3.02
N ASN B 449 -32.25 -32.41 2.62
CA ASN B 449 -33.44 -32.40 3.47
C ASN B 449 -33.70 -31.04 4.10
N LEU B 450 -33.58 -30.01 3.28
CA LEU B 450 -33.75 -28.63 3.75
C LEU B 450 -35.22 -28.22 3.79
N ASP B 451 -35.58 -27.48 4.83
CA ASP B 451 -36.94 -26.99 4.97
C ASP B 451 -37.07 -25.65 4.27
N VAL B 452 -36.98 -25.66 2.94
CA VAL B 452 -37.05 -24.42 2.16
C VAL B 452 -37.72 -24.60 0.79
N GLU B 453 -38.29 -23.52 0.30
CA GLU B 453 -38.77 -23.46 -1.08
C GLU B 453 -37.62 -22.95 -1.96
N LEU B 454 -37.72 -23.23 -3.26
CA LEU B 454 -36.68 -22.79 -4.21
C LEU B 454 -36.61 -21.26 -4.26
N SER B 455 -35.48 -20.75 -4.75
CA SER B 455 -35.29 -19.31 -4.93
C SER B 455 -36.42 -18.69 -5.78
N GLY B 456 -36.94 -19.45 -6.74
CA GLY B 456 -38.11 -19.04 -7.48
C GLY B 456 -37.86 -18.12 -8.65
N CYS B 457 -36.58 -17.92 -8.99
CA CYS B 457 -36.21 -17.01 -10.08
C CYS B 457 -36.03 -17.79 -11.35
N ASN B 458 -35.95 -17.05 -12.46
CA ASN B 458 -35.39 -17.56 -13.69
C ASN B 458 -33.88 -17.29 -13.64
N TYR B 459 -33.09 -17.99 -14.45
CA TYR B 459 -31.63 -17.86 -14.35
C TYR B 459 -30.96 -17.75 -15.71
N LEU B 460 -29.96 -16.88 -15.79
CA LEU B 460 -29.14 -16.77 -16.99
C LEU B 460 -27.69 -17.11 -16.67
N LEU B 461 -27.03 -17.79 -17.60
CA LEU B 461 -25.60 -18.08 -17.46
C LEU B 461 -24.85 -17.25 -18.49
N ILE B 462 -23.98 -16.35 -18.02
CA ILE B 462 -23.28 -15.39 -18.88
C ILE B 462 -21.78 -15.65 -18.95
N LYS B 463 -21.26 -15.76 -20.17
CA LYS B 463 -19.82 -15.85 -20.37
C LYS B 463 -19.34 -14.57 -21.07
N ALA B 464 -18.18 -14.08 -20.67
CA ALA B 464 -17.62 -12.87 -21.26
C ALA B 464 -16.13 -12.75 -20.96
N SER B 465 -15.51 -11.70 -21.47
CA SER B 465 -14.10 -11.46 -21.23
C SER B 465 -13.88 -10.01 -20.83
N LEU B 466 -12.87 -9.76 -20.00
CA LEU B 466 -12.51 -8.40 -19.58
C LEU B 466 -11.15 -7.99 -20.11
#